data_6VLY
#
_entry.id   6VLY
#
_cell.length_a   75.313
_cell.length_b   111.537
_cell.length_c   150.540
_cell.angle_alpha   90.000
_cell.angle_beta   90.000
_cell.angle_gamma   90.000
#
_symmetry.space_group_name_H-M   'P 21 21 21'
#
loop_
_entity.id
_entity.type
_entity.pdbx_description
1 polymer 'Enoyl-[acyl-carrier-protein] reductase [NADH]'
2 non-polymer GLYCEROL
3 non-polymer '1,4-DIHYDRONICOTINAMIDE ADENINE DINUCLEOTIDE'
4 non-polymer 'CHLORIDE ION'
5 water water
#
_entity_poly.entity_id   1
_entity_poly.type   'polypeptide(L)'
_entity_poly.pdbx_seq_one_letter_code
;MGSSHHHHHHSSGLVPRGSHMAYNLLKGKKGLIFGALNEQSIAWKVAERAVEEGAEIVLTNTAVSIRMGTIGRLAEKCNT
IVVPADATSVEDLENLIDKTMEHFGGKFDFMLHSIGMSPNVRKGRTYDDLDYDYLSKTLDISAISFHKAIQVARKKDAIN
DWGSIVALSYIAAQRTLYGYNDMADAKALLESIARSFGYIYGREKHVRINTVSQSPTPTTAGSGVLGMGDLMNFAENMSP
LGNASANDCADYVLTLFSDLTRKVTMQNLYHDGGFASMGMSRRAMKTYEKGMRFEDVHQNQYPFGENAE
;
_entity_poly.pdbx_strand_id   A,B,C,D
#
loop_
_chem_comp.id
_chem_comp.type
_chem_comp.name
_chem_comp.formula
CL non-polymer 'CHLORIDE ION' 'Cl -1'
GOL non-polymer GLYCEROL 'C3 H8 O3'
NAI non-polymer '1,4-DIHYDRONICOTINAMIDE ADENINE DINUCLEOTIDE' 'C21 H29 N7 O14 P2'
#
# COMPACT_ATOMS: atom_id res chain seq x y z
N SER A 12 16.48 18.85 -17.54
CA SER A 12 17.14 17.52 -17.35
C SER A 12 16.08 16.41 -17.29
N GLY A 13 15.02 16.60 -16.51
CA GLY A 13 13.85 15.70 -16.43
C GLY A 13 12.89 15.88 -17.61
N LEU A 14 13.14 16.81 -18.53
CA LEU A 14 12.19 17.07 -19.65
C LEU A 14 12.33 15.91 -20.62
N VAL A 15 11.26 15.16 -20.91
CA VAL A 15 11.44 13.94 -21.77
C VAL A 15 11.68 14.43 -23.19
N PRO A 16 12.64 13.82 -23.93
CA PRO A 16 12.91 14.18 -25.32
C PRO A 16 11.69 13.99 -26.25
N ARG A 17 11.31 15.06 -26.97
CA ARG A 17 10.30 15.02 -28.06
C ARG A 17 10.87 15.75 -29.29
N GLY A 18 10.15 15.71 -30.42
CA GLY A 18 10.64 16.27 -31.69
C GLY A 18 9.93 15.63 -32.85
N SER A 19 10.47 14.50 -33.34
CA SER A 19 9.82 13.58 -34.32
C SER A 19 8.45 13.14 -33.81
N HIS A 20 7.46 13.01 -34.70
CA HIS A 20 6.08 12.59 -34.34
C HIS A 20 6.07 11.09 -34.03
N MET A 21 5.49 10.71 -32.88
CA MET A 21 5.15 9.31 -32.51
C MET A 21 3.73 8.99 -33.01
N ALA A 22 3.62 8.21 -34.09
CA ALA A 22 2.35 7.70 -34.65
C ALA A 22 2.38 6.18 -34.59
N TYR A 23 1.77 5.60 -33.56
CA TYR A 23 1.77 4.15 -33.32
C TYR A 23 0.42 3.57 -33.76
N ASN A 24 -0.53 4.43 -34.13
CA ASN A 24 -1.93 4.00 -34.39
C ASN A 24 -2.49 3.16 -33.24
N LEU A 25 -2.13 3.49 -32.00
CA LEU A 25 -2.51 2.70 -30.80
C LEU A 25 -4.02 2.62 -30.71
N LEU A 26 -4.73 3.69 -31.07
CA LEU A 26 -6.18 3.83 -30.81
C LEU A 26 -6.96 3.79 -32.13
N LYS A 27 -6.36 3.21 -33.18
CA LYS A 27 -6.99 3.18 -34.53
C LYS A 27 -8.31 2.43 -34.42
N GLY A 28 -9.40 3.03 -34.87
CA GLY A 28 -10.72 2.40 -34.83
C GLY A 28 -11.44 2.66 -33.51
N LYS A 29 -10.79 3.31 -32.53
CA LYS A 29 -11.39 3.45 -31.19
C LYS A 29 -12.12 4.78 -31.09
N LYS A 30 -13.09 4.85 -30.19
CA LYS A 30 -13.92 6.07 -29.97
C LYS A 30 -13.94 6.38 -28.47
N GLY A 31 -13.87 7.66 -28.11
CA GLY A 31 -13.74 8.06 -26.71
C GLY A 31 -14.49 9.32 -26.35
N LEU A 32 -14.88 9.41 -25.10
CA LEU A 32 -15.43 10.62 -24.48
C LEU A 32 -14.42 11.21 -23.50
N ILE A 33 -14.11 12.50 -23.66
CA ILE A 33 -13.08 13.21 -22.86
C ILE A 33 -13.73 14.39 -22.13
N PHE A 34 -13.74 14.32 -20.80
CA PHE A 34 -14.12 15.42 -19.89
C PHE A 34 -12.88 16.29 -19.58
N GLY A 35 -13.09 17.57 -19.28
CA GLY A 35 -12.16 18.42 -18.47
C GLY A 35 -11.13 19.20 -19.28
N ALA A 36 -11.19 19.21 -20.61
CA ALA A 36 -10.32 20.06 -21.46
C ALA A 36 -10.81 21.52 -21.37
N LEU A 37 -10.14 22.34 -20.56
CA LEU A 37 -10.45 23.77 -20.39
C LEU A 37 -9.64 24.60 -21.38
N ASN A 38 -8.35 24.28 -21.50
CA ASN A 38 -7.39 25.11 -22.26
C ASN A 38 -6.18 24.24 -22.61
N GLU A 39 -5.23 24.79 -23.36
CA GLU A 39 -4.13 24.02 -23.97
C GLU A 39 -3.23 23.44 -22.86
N GLN A 40 -3.35 23.92 -21.62
CA GLN A 40 -2.57 23.40 -20.46
C GLN A 40 -3.24 22.15 -19.85
N SER A 41 -4.55 21.97 -20.03
CA SER A 41 -5.34 20.86 -19.44
C SER A 41 -4.71 19.50 -19.79
N ILE A 42 -4.58 18.60 -18.81
CA ILE A 42 -4.18 17.21 -19.10
C ILE A 42 -5.17 16.62 -20.16
N ALA A 43 -6.48 16.85 -20.00
CA ALA A 43 -7.52 16.30 -20.90
C ALA A 43 -7.32 16.83 -22.34
N TRP A 44 -6.86 18.07 -22.51
CA TRP A 44 -6.54 18.67 -23.83
C TRP A 44 -5.45 17.83 -24.50
N LYS A 45 -4.35 17.59 -23.78
CA LYS A 45 -3.22 16.77 -24.28
C LYS A 45 -3.72 15.37 -24.64
N VAL A 46 -4.57 14.78 -23.80
CA VAL A 46 -5.10 13.41 -24.02
C VAL A 46 -5.92 13.43 -25.31
N ALA A 47 -6.77 14.43 -25.51
CA ALA A 47 -7.61 14.55 -26.73
C ALA A 47 -6.72 14.62 -27.97
N GLU A 48 -5.74 15.51 -27.97
CA GLU A 48 -4.85 15.74 -29.14
C GLU A 48 -4.16 14.41 -29.46
N ARG A 49 -3.56 13.81 -28.43
CA ARG A 49 -2.73 12.59 -28.57
C ARG A 49 -3.62 11.42 -29.02
N ALA A 50 -4.84 11.31 -28.47
CA ALA A 50 -5.77 10.21 -28.82
C ALA A 50 -6.09 10.27 -30.33
N VAL A 51 -6.38 11.46 -30.85
CA VAL A 51 -6.67 11.68 -32.29
C VAL A 51 -5.42 11.38 -33.11
N GLU A 52 -4.22 11.77 -32.67
CA GLU A 52 -2.97 11.48 -33.42
C GLU A 52 -2.75 9.97 -33.50
N GLU A 53 -3.20 9.23 -32.48
CA GLU A 53 -3.07 7.76 -32.40
C GLU A 53 -4.28 7.06 -33.07
N GLY A 54 -5.19 7.82 -33.69
CA GLY A 54 -6.19 7.27 -34.63
C GLY A 54 -7.58 7.21 -34.04
N ALA A 55 -7.79 7.79 -32.86
CA ALA A 55 -9.07 7.70 -32.16
C ALA A 55 -10.00 8.76 -32.72
N GLU A 56 -11.30 8.51 -32.64
CA GLU A 56 -12.34 9.56 -32.73
C GLU A 56 -12.79 9.90 -31.32
N ILE A 57 -12.92 11.19 -31.01
CA ILE A 57 -13.37 11.64 -29.67
C ILE A 57 -14.62 12.52 -29.78
N VAL A 58 -15.34 12.60 -28.66
CA VAL A 58 -16.32 13.66 -28.32
C VAL A 58 -15.77 14.42 -27.11
N LEU A 59 -15.90 15.75 -27.11
CA LEU A 59 -15.47 16.59 -25.96
C LEU A 59 -16.67 17.06 -25.17
N THR A 60 -16.44 17.37 -23.89
CA THR A 60 -17.47 17.93 -22.99
C THR A 60 -16.81 18.83 -21.95
N ASN A 61 -17.49 19.91 -21.58
CA ASN A 61 -17.13 20.73 -20.41
C ASN A 61 -18.38 21.48 -19.99
N THR A 62 -18.30 22.23 -18.92
CA THR A 62 -19.44 23.05 -18.42
C THR A 62 -19.69 24.16 -19.44
N ALA A 63 -20.94 24.65 -19.54
CA ALA A 63 -21.29 25.88 -20.30
C ALA A 63 -20.26 26.99 -20.01
N VAL A 64 -19.99 27.27 -18.73
CA VAL A 64 -19.09 28.37 -18.28
C VAL A 64 -17.66 28.12 -18.80
N SER A 65 -17.14 26.90 -18.66
CA SER A 65 -15.76 26.57 -19.09
C SER A 65 -15.67 26.67 -20.61
N ILE A 66 -16.75 26.31 -21.31
CA ILE A 66 -16.79 26.29 -22.80
C ILE A 66 -16.65 27.74 -23.27
N ARG A 67 -17.26 28.65 -22.51
CA ARG A 67 -17.36 30.10 -22.87
C ARG A 67 -16.08 30.82 -22.45
N MET A 68 -15.51 30.50 -21.28
CA MET A 68 -14.32 31.21 -20.71
C MET A 68 -13.02 30.65 -21.30
N GLY A 69 -12.99 29.36 -21.63
CA GLY A 69 -11.77 28.65 -22.10
C GLY A 69 -11.73 28.55 -23.62
N THR A 70 -10.91 27.65 -24.15
CA THR A 70 -10.57 27.64 -25.59
C THR A 70 -10.87 26.27 -26.20
N ILE A 71 -11.78 25.50 -25.59
CA ILE A 71 -12.11 24.11 -26.04
C ILE A 71 -12.60 24.13 -27.49
N GLY A 72 -13.21 25.24 -27.94
CA GLY A 72 -13.60 25.39 -29.35
C GLY A 72 -12.44 25.11 -30.28
N ARG A 73 -11.25 25.57 -29.92
CA ARG A 73 -10.03 25.37 -30.74
C ARG A 73 -9.74 23.86 -30.78
N LEU A 74 -9.78 23.22 -29.62
CA LEU A 74 -9.49 21.77 -29.52
C LEU A 74 -10.50 20.99 -30.38
N ALA A 75 -11.78 21.34 -30.25
CA ALA A 75 -12.88 20.69 -30.99
C ALA A 75 -12.60 20.77 -32.50
N GLU A 76 -12.06 21.88 -32.97
CA GLU A 76 -11.69 22.10 -34.40
C GLU A 76 -10.48 21.22 -34.76
N LYS A 77 -9.42 21.23 -33.97
CA LYS A 77 -8.21 20.40 -34.20
C LYS A 77 -8.63 18.92 -34.28
N CYS A 78 -9.55 18.47 -33.42
CA CYS A 78 -9.97 17.04 -33.31
C CYS A 78 -11.19 16.75 -34.18
N ASN A 79 -11.65 17.71 -34.97
CA ASN A 79 -12.77 17.52 -35.94
C ASN A 79 -13.99 16.90 -35.25
N THR A 80 -14.49 17.50 -34.18
CA THR A 80 -15.59 16.90 -33.41
C THR A 80 -16.40 17.99 -32.70
N ILE A 81 -17.38 17.53 -31.91
CA ILE A 81 -18.36 18.38 -31.19
C ILE A 81 -17.91 18.58 -29.74
N VAL A 82 -18.40 19.65 -29.13
CA VAL A 82 -18.34 19.92 -27.67
C VAL A 82 -19.77 19.86 -27.13
N VAL A 83 -20.07 18.88 -26.29
CA VAL A 83 -21.41 18.74 -25.65
C VAL A 83 -21.35 19.35 -24.26
N PRO A 84 -22.09 20.46 -23.99
CA PRO A 84 -22.08 21.08 -22.67
C PRO A 84 -22.67 20.13 -21.61
N ALA A 85 -22.08 20.08 -20.42
CA ALA A 85 -22.55 19.19 -19.33
C ALA A 85 -21.84 19.56 -18.02
N ASP A 86 -22.62 19.73 -16.97
CA ASP A 86 -22.16 19.69 -15.56
C ASP A 86 -22.12 18.22 -15.15
N ALA A 87 -20.93 17.68 -14.86
CA ALA A 87 -20.73 16.24 -14.61
C ALA A 87 -21.31 15.86 -13.23
N THR A 88 -21.76 16.84 -12.42
CA THR A 88 -22.52 16.54 -11.19
C THR A 88 -24.02 16.32 -11.50
N SER A 89 -24.46 16.63 -12.71
CA SER A 89 -25.88 16.53 -13.11
C SER A 89 -26.12 15.24 -13.86
N VAL A 90 -26.88 14.32 -13.25
CA VAL A 90 -27.26 13.04 -13.86
C VAL A 90 -27.97 13.33 -15.20
N GLU A 91 -28.84 14.33 -15.21
CA GLU A 91 -29.63 14.74 -16.42
C GLU A 91 -28.66 15.18 -17.54
N ASP A 92 -27.69 16.03 -17.25
CA ASP A 92 -26.67 16.46 -18.24
C ASP A 92 -25.88 15.24 -18.75
N LEU A 93 -25.60 14.30 -17.87
CA LEU A 93 -24.75 13.13 -18.24
C LEU A 93 -25.56 12.22 -19.15
N GLU A 94 -26.85 12.05 -18.85
CA GLU A 94 -27.80 11.28 -19.68
C GLU A 94 -27.82 11.89 -21.10
N ASN A 95 -27.99 13.22 -21.18
CA ASN A 95 -27.93 13.97 -22.47
C ASN A 95 -26.55 13.72 -23.13
N LEU A 96 -25.45 13.90 -22.38
CA LEU A 96 -24.07 13.80 -22.91
C LEU A 96 -23.88 12.44 -23.56
N ILE A 97 -24.29 11.37 -22.88
CA ILE A 97 -24.06 9.98 -23.34
C ILE A 97 -24.91 9.72 -24.61
N ASP A 98 -26.15 10.20 -24.63
CA ASP A 98 -27.03 10.07 -25.84
C ASP A 98 -26.38 10.82 -27.01
N LYS A 99 -25.92 12.07 -26.80
CA LYS A 99 -25.31 12.90 -27.87
C LYS A 99 -23.99 12.27 -28.34
N THR A 100 -23.27 11.60 -27.44
CA THR A 100 -21.97 10.96 -27.77
C THR A 100 -22.24 9.72 -28.62
N MET A 101 -23.21 8.91 -28.22
CA MET A 101 -23.55 7.65 -28.93
C MET A 101 -24.16 7.98 -30.30
N GLU A 102 -24.98 9.03 -30.38
CA GLU A 102 -25.54 9.57 -31.65
C GLU A 102 -24.39 9.99 -32.57
N HIS A 103 -23.39 10.72 -32.04
CA HIS A 103 -22.22 11.17 -32.82
C HIS A 103 -21.44 9.97 -33.37
N PHE A 104 -21.21 8.95 -32.55
CA PHE A 104 -20.42 7.74 -32.95
C PHE A 104 -21.28 6.74 -33.70
N GLY A 105 -22.61 6.92 -33.69
CA GLY A 105 -23.54 5.92 -34.23
C GLY A 105 -23.53 4.64 -33.41
N GLY A 106 -23.35 4.75 -32.09
CA GLY A 106 -23.41 3.58 -31.20
C GLY A 106 -22.42 3.69 -30.04
N LYS A 107 -21.85 2.57 -29.62
CA LYS A 107 -21.04 2.46 -28.38
C LYS A 107 -19.63 2.99 -28.66
N PHE A 108 -18.93 3.40 -27.61
CA PHE A 108 -17.54 3.86 -27.70
C PHE A 108 -16.67 3.05 -26.73
N ASP A 109 -15.36 3.33 -26.72
CA ASP A 109 -14.35 2.40 -26.17
C ASP A 109 -13.71 2.98 -24.89
N PHE A 110 -13.54 4.29 -24.80
CA PHE A 110 -12.81 4.88 -23.67
C PHE A 110 -13.49 6.14 -23.18
N MET A 111 -13.24 6.45 -21.92
CA MET A 111 -13.76 7.66 -21.27
C MET A 111 -12.69 8.18 -20.30
N LEU A 112 -12.38 9.47 -20.41
CA LEU A 112 -11.46 10.14 -19.46
C LEU A 112 -12.25 11.08 -18.57
N HIS A 113 -12.19 10.84 -17.28
CA HIS A 113 -12.66 11.76 -16.23
C HIS A 113 -11.46 12.58 -15.78
N SER A 114 -11.50 13.89 -16.04
CA SER A 114 -10.40 14.82 -15.73
C SER A 114 -11.00 16.10 -15.17
N ILE A 115 -11.63 15.98 -14.01
CA ILE A 115 -12.46 17.03 -13.37
C ILE A 115 -12.09 17.10 -11.90
N GLY A 116 -11.92 18.30 -11.37
CA GLY A 116 -11.65 18.51 -9.95
C GLY A 116 -11.74 19.98 -9.62
N MET A 117 -12.40 20.30 -8.51
CA MET A 117 -12.58 21.68 -8.05
C MET A 117 -13.05 21.61 -6.60
N SER A 118 -12.54 22.50 -5.74
CA SER A 118 -12.98 22.66 -4.34
C SER A 118 -13.43 24.10 -4.12
N PRO A 119 -14.72 24.35 -3.84
CA PRO A 119 -15.12 25.69 -3.39
C PRO A 119 -14.38 26.13 -2.12
N ASN A 120 -13.98 25.17 -1.26
CA ASN A 120 -13.20 25.49 -0.03
C ASN A 120 -11.85 26.10 -0.44
N VAL A 121 -11.13 25.47 -1.34
CA VAL A 121 -9.82 25.98 -1.85
C VAL A 121 -10.07 27.30 -2.58
N ARG A 122 -11.07 27.37 -3.47
CA ARG A 122 -11.33 28.58 -4.31
C ARG A 122 -11.62 29.77 -3.39
N LYS A 123 -12.33 29.56 -2.28
CA LYS A 123 -12.78 30.66 -1.38
C LYS A 123 -11.78 30.86 -0.24
N GLY A 124 -10.65 30.16 -0.27
CA GLY A 124 -9.59 30.22 0.76
C GLY A 124 -10.07 29.75 2.13
N ARG A 125 -11.03 28.81 2.20
CA ARG A 125 -11.41 28.16 3.47
C ARG A 125 -10.37 27.07 3.75
N THR A 126 -9.79 27.04 4.96
CA THR A 126 -8.73 26.05 5.34
C THR A 126 -9.38 24.73 5.84
N TYR A 127 -8.59 23.65 5.88
CA TYR A 127 -9.10 22.29 6.19
C TYR A 127 -9.71 22.23 7.60
N ASP A 128 -9.23 23.06 8.53
CA ASP A 128 -9.68 23.07 9.93
C ASP A 128 -10.89 24.01 10.07
N ASP A 129 -11.41 24.53 8.97
CA ASP A 129 -12.51 25.52 8.99
C ASP A 129 -13.30 25.39 7.71
N LEU A 130 -13.58 24.14 7.31
CA LEU A 130 -14.34 23.87 6.07
C LEU A 130 -15.74 24.43 6.22
N ASP A 131 -16.28 24.91 5.11
CA ASP A 131 -17.73 25.03 4.89
C ASP A 131 -18.19 23.68 4.33
N TYR A 132 -19.18 23.07 4.96
CA TYR A 132 -19.57 21.67 4.65
C TYR A 132 -20.48 21.63 3.44
N ASP A 133 -21.12 22.75 3.04
CA ASP A 133 -21.83 22.85 1.72
C ASP A 133 -20.78 22.88 0.62
N TYR A 134 -19.70 23.62 0.81
CA TYR A 134 -18.56 23.65 -0.13
C TYR A 134 -17.95 22.24 -0.22
N LEU A 135 -17.78 21.57 0.92
CA LEU A 135 -17.15 20.22 0.94
C LEU A 135 -18.02 19.29 0.09
N SER A 136 -19.32 19.33 0.32
CA SER A 136 -20.28 18.52 -0.44
C SER A 136 -20.01 18.71 -1.94
N LYS A 137 -19.78 19.95 -2.37
CA LYS A 137 -19.54 20.29 -3.79
C LYS A 137 -18.14 19.83 -4.22
N THR A 138 -17.13 19.99 -3.38
CA THR A 138 -15.79 19.43 -3.68
C THR A 138 -15.94 17.94 -3.99
N LEU A 139 -16.61 17.20 -3.12
CA LEU A 139 -16.71 15.73 -3.25
C LEU A 139 -17.52 15.39 -4.51
N ASP A 140 -18.59 16.18 -4.79
CA ASP A 140 -19.52 15.91 -5.92
C ASP A 140 -18.74 16.10 -7.23
N ILE A 141 -18.10 17.27 -7.39
CA ILE A 141 -17.40 17.64 -8.65
C ILE A 141 -16.21 16.70 -8.83
N SER A 142 -15.44 16.50 -7.76
CA SER A 142 -14.08 15.90 -7.86
C SER A 142 -14.13 14.36 -7.81
N ALA A 143 -15.22 13.75 -7.32
CA ALA A 143 -15.25 12.28 -7.11
C ALA A 143 -16.60 11.69 -7.53
N ILE A 144 -17.70 12.13 -6.95
CA ILE A 144 -19.02 11.51 -7.20
C ILE A 144 -19.37 11.59 -8.70
N SER A 145 -18.96 12.67 -9.37
CA SER A 145 -19.13 12.88 -10.83
C SER A 145 -18.61 11.67 -11.60
N PHE A 146 -17.56 11.02 -11.10
CA PHE A 146 -16.97 9.83 -11.76
C PHE A 146 -17.96 8.67 -11.62
N HIS A 147 -18.52 8.48 -10.43
CA HIS A 147 -19.58 7.47 -10.22
C HIS A 147 -20.76 7.78 -11.15
N LYS A 148 -21.21 9.04 -11.15
CA LYS A 148 -22.40 9.48 -11.94
C LYS A 148 -22.18 9.14 -13.41
N ALA A 149 -21.00 9.45 -13.95
CA ALA A 149 -20.67 9.23 -15.37
C ALA A 149 -20.66 7.73 -15.68
N ILE A 150 -20.05 6.91 -14.82
CA ILE A 150 -19.98 5.44 -15.09
C ILE A 150 -21.41 4.87 -14.99
N GLN A 151 -22.16 5.23 -13.96
CA GLN A 151 -23.53 4.69 -13.74
C GLN A 151 -24.41 5.01 -14.97
N VAL A 152 -24.38 6.25 -15.44
CA VAL A 152 -25.22 6.69 -16.60
C VAL A 152 -24.77 5.93 -17.84
N ALA A 153 -23.46 5.86 -18.08
CA ALA A 153 -22.89 5.18 -19.27
C ALA A 153 -23.32 3.73 -19.25
N ARG A 154 -23.19 3.07 -18.09
CA ARG A 154 -23.47 1.63 -17.99
C ARG A 154 -24.97 1.39 -18.17
N LYS A 155 -25.81 2.24 -17.60
CA LYS A 155 -27.29 2.05 -17.76
C LYS A 155 -27.66 2.13 -19.26
N LYS A 156 -26.92 2.89 -20.05
CA LYS A 156 -27.20 3.12 -21.51
C LYS A 156 -26.37 2.13 -22.33
N ASP A 157 -25.65 1.23 -21.67
CA ASP A 157 -24.72 0.28 -22.32
C ASP A 157 -23.90 1.01 -23.39
N ALA A 158 -23.26 2.11 -23.00
CA ALA A 158 -22.54 3.05 -23.88
C ALA A 158 -21.17 2.51 -24.28
N ILE A 159 -20.61 1.57 -23.50
CA ILE A 159 -19.16 1.21 -23.62
C ILE A 159 -19.01 -0.24 -24.11
N ASN A 160 -18.20 -0.43 -25.15
CA ASN A 160 -17.84 -1.71 -25.78
C ASN A 160 -17.11 -2.59 -24.76
N ASP A 161 -17.28 -3.89 -24.86
CA ASP A 161 -16.43 -4.93 -24.21
C ASP A 161 -14.96 -4.51 -24.35
N TRP A 162 -14.15 -4.76 -23.32
CA TRP A 162 -12.69 -4.46 -23.29
C TRP A 162 -12.43 -2.96 -23.41
N GLY A 163 -13.44 -2.12 -23.12
CA GLY A 163 -13.28 -0.67 -23.02
C GLY A 163 -12.49 -0.24 -21.79
N SER A 164 -12.18 1.05 -21.70
CA SER A 164 -11.21 1.57 -20.70
C SER A 164 -11.71 2.91 -20.19
N ILE A 165 -11.86 3.00 -18.89
CA ILE A 165 -12.27 4.24 -18.19
C ILE A 165 -11.13 4.68 -17.28
N VAL A 166 -10.75 5.95 -17.35
CA VAL A 166 -9.63 6.50 -16.56
C VAL A 166 -10.07 7.79 -15.90
N ALA A 167 -9.73 7.97 -14.63
CA ALA A 167 -9.84 9.25 -13.90
C ALA A 167 -8.46 9.66 -13.41
N LEU A 168 -8.22 10.95 -13.32
CA LEU A 168 -6.94 11.54 -12.85
C LEU A 168 -7.04 11.80 -11.35
N SER A 169 -6.07 11.33 -10.59
CA SER A 169 -6.00 11.53 -9.13
C SER A 169 -4.60 12.03 -8.73
N TYR A 170 -4.32 12.08 -7.43
CA TYR A 170 -3.10 12.70 -6.86
C TYR A 170 -2.78 12.01 -5.55
N ILE A 171 -1.48 11.85 -5.26
CA ILE A 171 -0.97 11.04 -4.13
C ILE A 171 -1.42 11.61 -2.78
N ALA A 172 -1.93 12.84 -2.70
CA ALA A 172 -2.59 13.34 -1.47
C ALA A 172 -3.65 12.33 -0.98
N ALA A 173 -4.18 11.50 -1.88
CA ALA A 173 -5.16 10.43 -1.54
C ALA A 173 -4.58 9.43 -0.53
N GLN A 174 -3.25 9.28 -0.50
CA GLN A 174 -2.58 8.29 0.38
C GLN A 174 -1.70 9.00 1.41
N ARG A 175 -1.01 10.07 1.03
CA ARG A 175 0.03 10.70 1.89
C ARG A 175 -0.21 12.20 1.92
N THR A 176 -0.29 12.76 3.12
CA THR A 176 -0.81 14.13 3.33
C THR A 176 0.20 15.15 2.78
N LEU A 177 -0.27 16.11 1.99
CA LEU A 177 0.57 17.26 1.57
C LEU A 177 -0.01 18.55 2.12
N TYR A 178 0.83 19.29 2.85
CA TYR A 178 0.52 20.62 3.43
C TYR A 178 -0.28 21.42 2.40
N GLY A 179 -1.49 21.84 2.78
CA GLY A 179 -2.29 22.81 2.01
C GLY A 179 -3.25 22.18 1.03
N TYR A 180 -3.14 20.89 0.71
CA TYR A 180 -3.92 20.32 -0.42
C TYR A 180 -5.41 20.29 -0.06
N ASN A 181 -5.75 20.31 1.24
CA ASN A 181 -7.11 20.69 1.72
C ASN A 181 -8.07 19.51 1.45
N ASP A 182 -9.34 19.80 1.19
CA ASP A 182 -10.41 18.78 1.05
C ASP A 182 -10.24 17.99 -0.24
N MET A 183 -9.44 18.47 -1.20
CA MET A 183 -9.15 17.73 -2.46
C MET A 183 -8.45 16.40 -2.15
N ALA A 184 -7.65 16.32 -1.11
CA ALA A 184 -6.95 15.06 -0.74
C ALA A 184 -8.00 13.98 -0.46
N ASP A 185 -8.99 14.34 0.35
CA ASP A 185 -10.07 13.42 0.76
C ASP A 185 -10.90 13.06 -0.48
N ALA A 186 -11.14 14.03 -1.36
CA ALA A 186 -11.92 13.81 -2.59
C ALA A 186 -11.18 12.79 -3.46
N LYS A 187 -9.86 12.89 -3.56
CA LYS A 187 -9.06 11.96 -4.39
C LYS A 187 -9.12 10.52 -3.82
N ALA A 188 -9.10 10.36 -2.51
CA ALA A 188 -9.25 9.04 -1.85
C ALA A 188 -10.61 8.44 -2.22
N LEU A 189 -11.67 9.25 -2.18
CA LEU A 189 -13.02 8.79 -2.60
C LEU A 189 -13.02 8.42 -4.09
N LEU A 190 -12.48 9.28 -4.96
CA LEU A 190 -12.40 9.01 -6.42
C LEU A 190 -11.78 7.62 -6.68
N GLU A 191 -10.64 7.35 -6.05
CA GLU A 191 -9.86 6.12 -6.34
C GLU A 191 -10.65 4.90 -5.88
N SER A 192 -11.45 5.02 -4.81
CA SER A 192 -12.31 3.92 -4.32
C SER A 192 -13.40 3.62 -5.34
N ILE A 193 -14.01 4.65 -5.92
CA ILE A 193 -15.07 4.46 -6.96
C ILE A 193 -14.48 3.65 -8.10
N ALA A 194 -13.23 3.91 -8.51
CA ALA A 194 -12.58 3.15 -9.60
C ALA A 194 -12.61 1.64 -9.28
N ARG A 195 -12.29 1.28 -8.04
CA ARG A 195 -12.29 -0.13 -7.56
C ARG A 195 -13.73 -0.66 -7.51
N SER A 196 -14.63 0.05 -6.85
CA SER A 196 -16.02 -0.42 -6.65
C SER A 196 -16.68 -0.68 -8.02
N PHE A 197 -16.60 0.27 -8.94
CA PHE A 197 -17.26 0.15 -10.27
C PHE A 197 -16.42 -0.74 -11.19
N GLY A 198 -15.10 -0.76 -11.03
CA GLY A 198 -14.23 -1.66 -11.80
C GLY A 198 -14.59 -3.12 -11.62
N TYR A 199 -14.95 -3.55 -10.41
CA TYR A 199 -15.30 -4.94 -10.15
C TYR A 199 -16.50 -5.31 -11.05
N ILE A 200 -17.51 -4.46 -11.02
CA ILE A 200 -18.80 -4.69 -11.71
C ILE A 200 -18.57 -4.66 -13.22
N TYR A 201 -18.00 -3.59 -13.75
CA TYR A 201 -17.87 -3.39 -15.21
C TYR A 201 -16.91 -4.43 -15.80
N GLY A 202 -15.90 -4.80 -15.02
CA GLY A 202 -14.92 -5.83 -15.42
C GLY A 202 -15.56 -7.17 -15.60
N ARG A 203 -16.23 -7.69 -14.57
CA ARG A 203 -16.79 -9.06 -14.58
C ARG A 203 -17.85 -9.20 -15.70
N GLU A 204 -18.53 -8.11 -16.07
CA GLU A 204 -19.70 -8.11 -17.00
C GLU A 204 -19.25 -8.00 -18.45
N LYS A 205 -18.46 -6.98 -18.76
CA LYS A 205 -18.05 -6.61 -20.14
C LYS A 205 -16.54 -6.42 -20.28
N HIS A 206 -15.73 -6.87 -19.31
CA HIS A 206 -14.25 -6.75 -19.39
C HIS A 206 -13.84 -5.29 -19.62
N VAL A 207 -14.61 -4.34 -19.11
CA VAL A 207 -14.28 -2.90 -19.14
C VAL A 207 -13.38 -2.62 -17.93
N ARG A 208 -12.20 -2.08 -18.17
CA ARG A 208 -11.20 -1.80 -17.11
C ARG A 208 -11.41 -0.36 -16.63
N ILE A 209 -11.20 -0.14 -15.34
CA ILE A 209 -11.34 1.19 -14.70
C ILE A 209 -10.13 1.40 -13.82
N ASN A 210 -9.40 2.48 -14.07
CA ASN A 210 -8.14 2.80 -13.35
C ASN A 210 -8.10 4.29 -13.08
N THR A 211 -7.35 4.66 -12.05
CA THR A 211 -6.92 6.04 -11.79
C THR A 211 -5.43 6.19 -12.11
N VAL A 212 -5.08 7.35 -12.66
CA VAL A 212 -3.66 7.76 -12.88
C VAL A 212 -3.38 8.84 -11.87
N SER A 213 -2.46 8.56 -10.96
CA SER A 213 -2.01 9.48 -9.90
C SER A 213 -0.81 10.27 -10.44
N GLN A 214 -1.09 11.50 -10.86
CA GLN A 214 -0.21 12.33 -11.71
C GLN A 214 0.62 13.24 -10.81
N SER A 215 1.80 13.65 -11.27
CA SER A 215 2.63 14.72 -10.66
C SER A 215 1.79 15.98 -10.46
N PRO A 216 2.18 16.88 -9.52
CA PRO A 216 1.65 18.24 -9.53
C PRO A 216 2.00 18.88 -10.89
N THR A 217 1.01 19.51 -11.54
CA THR A 217 1.06 19.94 -12.96
C THR A 217 0.54 21.38 -13.03
N PRO A 218 1.24 22.29 -13.77
CA PRO A 218 0.83 23.69 -13.87
C PRO A 218 -0.34 23.81 -14.85
N THR A 219 -1.54 23.72 -14.30
CA THR A 219 -2.83 23.87 -15.01
C THR A 219 -3.65 24.94 -14.28
N THR A 220 -4.83 25.30 -14.80
CA THR A 220 -5.78 26.22 -14.11
C THR A 220 -6.11 25.67 -12.72
N ALA A 221 -6.56 24.41 -12.63
CA ALA A 221 -6.92 23.75 -11.33
C ALA A 221 -5.66 23.67 -10.43
N GLY A 222 -4.53 23.26 -11.00
CA GLY A 222 -3.23 23.19 -10.29
C GLY A 222 -2.84 24.53 -9.65
N SER A 223 -2.97 25.65 -10.38
CA SER A 223 -2.55 27.00 -9.88
C SER A 223 -3.39 27.40 -8.67
N GLY A 224 -4.57 26.80 -8.48
CA GLY A 224 -5.45 27.02 -7.31
C GLY A 224 -4.91 26.37 -6.03
N VAL A 225 -3.97 25.42 -6.13
CA VAL A 225 -3.41 24.71 -4.94
C VAL A 225 -2.53 25.70 -4.14
N LEU A 226 -2.77 25.82 -2.82
CA LEU A 226 -1.96 26.66 -1.88
C LEU A 226 -0.48 26.40 -2.12
N GLY A 227 0.26 27.47 -2.46
CA GLY A 227 1.72 27.44 -2.70
C GLY A 227 2.09 26.34 -3.69
N MET A 228 1.37 26.29 -4.82
CA MET A 228 1.61 25.24 -5.86
C MET A 228 3.07 25.25 -6.31
N GLY A 229 3.63 26.43 -6.54
CA GLY A 229 5.04 26.57 -6.99
C GLY A 229 5.97 25.76 -6.09
N ASP A 230 5.83 25.96 -4.78
CA ASP A 230 6.71 25.33 -3.74
C ASP A 230 6.45 23.82 -3.66
N LEU A 231 5.18 23.42 -3.76
CA LEU A 231 4.79 21.98 -3.77
C LEU A 231 5.39 21.28 -5.00
N MET A 232 5.30 21.91 -6.17
CA MET A 232 5.86 21.32 -7.43
C MET A 232 7.38 21.17 -7.28
N ASN A 233 8.03 22.13 -6.63
CA ASN A 233 9.50 22.11 -6.44
C ASN A 233 9.87 20.95 -5.48
N PHE A 234 9.12 20.76 -4.40
CA PHE A 234 9.33 19.63 -3.46
C PHE A 234 9.19 18.29 -4.21
N ALA A 235 8.11 18.12 -4.98
CA ALA A 235 7.84 16.89 -5.78
C ALA A 235 8.99 16.68 -6.77
N GLU A 236 9.44 17.74 -7.43
CA GLU A 236 10.55 17.68 -8.41
C GLU A 236 11.79 17.09 -7.73
N ASN A 237 12.18 17.63 -6.56
CA ASN A 237 13.40 17.19 -5.82
C ASN A 237 13.24 15.75 -5.34
N MET A 238 12.00 15.34 -5.04
CA MET A 238 11.72 14.00 -4.48
C MET A 238 11.60 12.96 -5.60
N SER A 239 11.42 13.39 -6.85
CA SER A 239 11.16 12.47 -7.99
C SER A 239 12.46 12.26 -8.78
N PRO A 240 13.07 11.06 -8.76
CA PRO A 240 14.30 10.85 -9.49
C PRO A 240 14.23 11.19 -10.99
N LEU A 241 13.09 10.96 -11.67
CA LEU A 241 12.96 11.32 -13.11
C LEU A 241 12.46 12.74 -13.27
N GLY A 242 12.18 13.44 -12.17
CA GLY A 242 11.53 14.77 -12.19
C GLY A 242 10.03 14.66 -12.34
N ASN A 243 9.30 15.75 -12.14
CA ASN A 243 7.83 15.78 -12.29
C ASN A 243 7.43 15.35 -13.72
N ALA A 244 6.31 14.65 -13.85
CA ALA A 244 5.68 14.31 -15.16
C ALA A 244 4.89 15.52 -15.64
N SER A 245 5.02 15.87 -16.92
CA SER A 245 4.26 16.97 -17.56
C SER A 245 2.86 16.49 -17.90
N ALA A 246 1.98 17.40 -18.33
CA ALA A 246 0.66 17.05 -18.91
C ALA A 246 0.86 16.19 -20.16
N ASN A 247 1.84 16.50 -21.00
CA ASN A 247 2.12 15.69 -22.22
C ASN A 247 2.52 14.26 -21.82
N ASP A 248 3.41 14.12 -20.83
CA ASP A 248 3.82 12.82 -20.28
C ASP A 248 2.58 12.06 -19.83
N CYS A 249 1.69 12.70 -19.07
CA CYS A 249 0.47 12.05 -18.53
C CYS A 249 -0.41 11.58 -19.71
N ALA A 250 -0.59 12.43 -20.73
CA ALA A 250 -1.38 12.04 -21.92
C ALA A 250 -0.78 10.77 -22.54
N ASP A 251 0.55 10.70 -22.67
CA ASP A 251 1.22 9.51 -23.27
C ASP A 251 0.90 8.26 -22.43
N TYR A 252 0.87 8.40 -21.11
CA TYR A 252 0.66 7.24 -20.20
C TYR A 252 -0.78 6.80 -20.33
N VAL A 253 -1.71 7.76 -20.35
CA VAL A 253 -3.17 7.46 -20.50
C VAL A 253 -3.43 6.74 -21.82
N LEU A 254 -2.72 7.08 -22.91
CA LEU A 254 -2.87 6.36 -24.20
C LEU A 254 -2.68 4.86 -23.98
N THR A 255 -1.68 4.45 -23.21
CA THR A 255 -1.39 3.01 -22.99
C THR A 255 -2.64 2.38 -22.37
N LEU A 256 -3.31 3.10 -21.48
CA LEU A 256 -4.47 2.58 -20.70
C LEU A 256 -5.70 2.48 -21.59
N PHE A 257 -5.80 3.30 -22.66
CA PHE A 257 -6.89 3.24 -23.66
C PHE A 257 -6.54 2.19 -24.72
N SER A 258 -5.26 1.83 -24.88
CA SER A 258 -4.80 0.84 -25.89
C SER A 258 -5.14 -0.59 -25.46
N ASP A 259 -5.08 -1.51 -26.40
CA ASP A 259 -5.34 -2.95 -26.15
C ASP A 259 -4.26 -3.55 -25.24
N LEU A 260 -3.11 -2.88 -25.07
CA LEU A 260 -1.91 -3.48 -24.45
C LEU A 260 -2.10 -3.59 -22.92
N THR A 261 -3.08 -2.90 -22.36
CA THR A 261 -3.34 -2.85 -20.90
C THR A 261 -4.68 -3.52 -20.56
N ARG A 262 -5.16 -4.41 -21.41
CA ARG A 262 -6.54 -5.00 -21.24
C ARG A 262 -6.70 -5.78 -19.92
N LYS A 263 -5.62 -6.27 -19.31
CA LYS A 263 -5.70 -7.03 -18.04
C LYS A 263 -5.34 -6.15 -16.84
N VAL A 264 -5.27 -4.83 -17.03
CA VAL A 264 -4.99 -3.87 -15.91
C VAL A 264 -6.31 -3.22 -15.48
N THR A 265 -6.75 -3.43 -14.26
CA THR A 265 -7.98 -2.78 -13.74
C THR A 265 -7.92 -2.61 -12.22
N MET A 266 -8.72 -1.67 -11.73
CA MET A 266 -8.89 -1.30 -10.32
C MET A 266 -7.57 -0.85 -9.72
N GLN A 267 -6.65 -0.37 -10.57
CA GLN A 267 -5.33 0.15 -10.17
C GLN A 267 -5.36 1.67 -10.00
N ASN A 268 -4.58 2.13 -9.04
CA ASN A 268 -4.18 3.54 -8.90
C ASN A 268 -2.73 3.61 -9.38
N LEU A 269 -2.53 4.16 -10.56
CA LEU A 269 -1.22 4.09 -11.25
C LEU A 269 -0.46 5.40 -11.08
N TYR A 270 0.63 5.36 -10.32
CA TYR A 270 1.52 6.52 -10.08
C TYR A 270 2.31 6.86 -11.35
N HIS A 271 2.17 8.09 -11.79
CA HIS A 271 2.84 8.65 -12.99
C HIS A 271 3.51 9.97 -12.60
N ASP A 272 4.68 9.86 -11.97
CA ASP A 272 5.18 10.91 -11.07
C ASP A 272 6.70 10.91 -11.00
N GLY A 273 7.37 10.30 -11.96
CA GLY A 273 8.83 10.20 -12.00
C GLY A 273 9.38 9.54 -10.76
N GLY A 274 8.55 8.80 -10.02
CA GLY A 274 8.97 7.98 -8.86
C GLY A 274 8.60 8.57 -7.51
N PHE A 275 8.00 9.75 -7.48
CA PHE A 275 7.66 10.42 -6.21
C PHE A 275 7.03 9.42 -5.22
N ALA A 276 6.05 8.61 -5.66
CA ALA A 276 5.23 7.77 -4.74
C ALA A 276 6.09 6.73 -4.02
N SER A 277 7.17 6.27 -4.63
CA SER A 277 8.07 5.22 -4.07
C SER A 277 9.26 5.81 -3.31
N MET A 278 9.34 7.14 -3.14
CA MET A 278 10.50 7.80 -2.52
C MET A 278 10.18 8.11 -1.05
N GLY A 279 11.12 7.84 -0.16
CA GLY A 279 11.07 8.23 1.25
C GLY A 279 11.78 9.55 1.49
N MET A 280 12.98 9.68 0.94
CA MET A 280 13.87 10.86 1.11
C MET A 280 14.91 10.83 -0.01
N SER A 281 14.83 11.78 -0.92
CA SER A 281 15.86 12.04 -1.96
C SER A 281 16.94 12.94 -1.36
N ARG A 282 18.16 12.86 -1.89
CA ARG A 282 19.26 13.76 -1.50
C ARG A 282 18.83 15.21 -1.74
N ARG A 283 18.24 15.49 -2.89
CA ARG A 283 17.84 16.86 -3.30
C ARG A 283 16.84 17.46 -2.31
N ALA A 284 16.00 16.64 -1.69
CA ALA A 284 14.92 17.09 -0.77
C ALA A 284 15.50 17.55 0.58
N MET A 285 16.73 17.17 0.90
CA MET A 285 17.32 17.43 2.23
C MET A 285 17.78 18.89 2.30
N LYS A 286 17.47 19.58 3.40
CA LYS A 286 17.81 21.00 3.64
C LYS A 286 19.34 21.22 3.56
N THR A 287 20.16 20.22 3.88
CA THR A 287 21.65 20.27 3.83
C THR A 287 22.18 20.18 2.39
N TYR A 288 21.33 19.89 1.40
CA TYR A 288 21.79 19.67 0.00
C TYR A 288 21.87 21.01 -0.75
N GLU A 289 22.96 21.25 -1.46
CA GLU A 289 23.08 22.36 -2.42
C GLU A 289 23.54 21.78 -3.76
N LYS A 290 23.05 22.32 -4.87
CA LYS A 290 23.47 21.90 -6.24
C LYS A 290 24.99 21.71 -6.22
N GLY A 291 25.46 20.61 -6.82
CA GLY A 291 26.88 20.31 -7.05
C GLY A 291 27.54 19.58 -5.87
N MET A 292 26.82 19.39 -4.75
CA MET A 292 27.32 18.53 -3.65
C MET A 292 27.41 17.08 -4.15
N ARG A 293 28.49 16.42 -3.76
CA ARG A 293 28.83 15.03 -4.13
C ARG A 293 27.81 14.10 -3.47
N PHE A 294 27.22 13.21 -4.25
CA PHE A 294 26.37 12.10 -3.74
C PHE A 294 27.28 11.05 -3.13
N GLU A 295 27.01 10.63 -1.88
CA GLU A 295 27.89 9.69 -1.14
C GLU A 295 27.25 8.29 -1.09
N ASP A 296 26.09 8.11 -1.72
CA ASP A 296 25.34 6.82 -1.73
C ASP A 296 25.79 5.98 -2.92
N VAL A 297 26.68 6.51 -3.78
CA VAL A 297 27.19 5.78 -4.98
C VAL A 297 28.71 5.95 -5.10
N HIS A 298 29.31 4.97 -5.76
CA HIS A 298 30.76 4.84 -6.04
C HIS A 298 31.07 5.48 -7.38
N GLN A 299 30.09 5.49 -8.28
CA GLN A 299 30.24 6.07 -9.63
C GLN A 299 29.15 7.09 -9.87
N ASN A 300 29.46 8.10 -10.69
CA ASN A 300 28.50 9.18 -11.06
C ASN A 300 28.02 9.92 -9.80
N GLN A 301 28.96 10.42 -8.97
CA GLN A 301 28.68 11.10 -7.69
C GLN A 301 28.20 12.55 -7.93
N TYR A 302 28.21 13.03 -9.18
CA TYR A 302 27.71 14.38 -9.53
C TYR A 302 26.68 14.24 -10.64
N PRO A 303 25.52 13.59 -10.36
CA PRO A 303 24.63 13.13 -11.42
C PRO A 303 24.03 14.25 -12.26
N PHE A 304 23.85 15.43 -11.66
CA PHE A 304 23.31 16.66 -12.30
C PHE A 304 24.47 17.53 -12.79
N TYR B 23 -5.86 -3.57 33.97
CA TYR B 23 -4.48 -2.96 33.87
C TYR B 23 -4.43 -1.51 34.37
N ASN B 24 -5.58 -0.85 34.56
CA ASN B 24 -5.64 0.60 34.89
C ASN B 24 -4.95 1.41 33.78
N LEU B 25 -5.11 0.98 32.53
CA LEU B 25 -4.43 1.54 31.34
C LEU B 25 -4.86 2.99 31.11
N LEU B 26 -6.09 3.34 31.46
CA LEU B 26 -6.63 4.70 31.18
C LEU B 26 -6.97 5.43 32.48
N LYS B 27 -6.26 5.13 33.56
CA LYS B 27 -6.47 5.82 34.86
C LYS B 27 -6.22 7.32 34.66
N GLY B 28 -7.17 8.13 35.08
CA GLY B 28 -7.09 9.59 35.00
C GLY B 28 -7.60 10.12 33.67
N LYS B 29 -7.87 9.26 32.69
CA LYS B 29 -8.27 9.71 31.32
C LYS B 29 -9.77 9.94 31.25
N LYS B 30 -10.15 10.85 30.37
CA LYS B 30 -11.54 11.24 30.10
C LYS B 30 -11.78 11.09 28.59
N GLY B 31 -12.95 10.62 28.19
CA GLY B 31 -13.21 10.38 26.75
C GLY B 31 -14.66 10.52 26.36
N LEU B 32 -14.87 10.80 25.08
CA LEU B 32 -16.19 10.90 24.42
C LEU B 32 -16.34 9.70 23.50
N ILE B 33 -17.41 8.93 23.67
CA ILE B 33 -17.69 7.74 22.81
C ILE B 33 -19.02 7.91 22.07
N PHE B 34 -18.93 7.93 20.73
CA PHE B 34 -20.07 7.90 19.79
C PHE B 34 -20.45 6.45 19.50
N GLY B 35 -21.73 6.21 19.22
CA GLY B 35 -22.18 5.03 18.45
C GLY B 35 -22.55 3.81 19.28
N ALA B 36 -22.68 3.91 20.60
CA ALA B 36 -23.14 2.76 21.41
C ALA B 36 -24.66 2.65 21.28
N LEU B 37 -25.14 1.69 20.50
CA LEU B 37 -26.59 1.44 20.26
C LEU B 37 -27.12 0.40 21.23
N ASN B 38 -26.43 -0.73 21.31
CA ASN B 38 -26.85 -1.90 22.10
C ASN B 38 -25.59 -2.68 22.53
N GLU B 39 -25.75 -3.77 23.26
CA GLU B 39 -24.62 -4.50 23.89
C GLU B 39 -23.75 -5.13 22.80
N GLN B 40 -24.21 -5.19 21.56
CA GLN B 40 -23.41 -5.74 20.43
C GLN B 40 -22.50 -4.67 19.80
N SER B 41 -22.79 -3.39 19.99
CA SER B 41 -22.08 -2.26 19.37
C SER B 41 -20.59 -2.34 19.73
N ILE B 42 -19.72 -2.13 18.76
CA ILE B 42 -18.26 -2.00 19.05
C ILE B 42 -18.07 -0.88 20.08
N ALA B 43 -18.78 0.24 19.96
CA ALA B 43 -18.60 1.41 20.86
C ALA B 43 -19.05 1.06 22.29
N TRP B 44 -20.05 0.20 22.44
CA TRP B 44 -20.51 -0.33 23.75
C TRP B 44 -19.36 -1.06 24.44
N LYS B 45 -18.67 -1.93 23.72
CA LYS B 45 -17.55 -2.70 24.32
C LYS B 45 -16.44 -1.72 24.67
N VAL B 46 -16.15 -0.74 23.79
CA VAL B 46 -15.08 0.25 24.05
C VAL B 46 -15.44 1.00 25.31
N ALA B 47 -16.69 1.43 25.44
CA ALA B 47 -17.20 2.15 26.62
C ALA B 47 -16.93 1.35 27.90
N GLU B 48 -17.38 0.10 27.96
CA GLU B 48 -17.27 -0.78 29.16
C GLU B 48 -15.78 -0.96 29.50
N ARG B 49 -14.98 -1.30 28.50
CA ARG B 49 -13.54 -1.61 28.71
C ARG B 49 -12.81 -0.34 29.16
N ALA B 50 -13.13 0.81 28.58
CA ALA B 50 -12.49 2.10 28.92
C ALA B 50 -12.71 2.38 30.40
N VAL B 51 -13.94 2.21 30.89
CA VAL B 51 -14.30 2.46 32.32
C VAL B 51 -13.64 1.38 33.20
N GLU B 52 -13.65 0.12 32.79
CA GLU B 52 -12.92 -0.96 33.53
C GLU B 52 -11.44 -0.59 33.66
N GLU B 53 -10.87 0.11 32.67
CA GLU B 53 -9.43 0.45 32.65
C GLU B 53 -9.18 1.82 33.31
N GLY B 54 -10.20 2.42 33.91
CA GLY B 54 -10.05 3.56 34.84
C GLY B 54 -10.50 4.86 34.23
N ALA B 55 -10.95 4.87 32.98
CA ALA B 55 -11.38 6.09 32.28
C ALA B 55 -12.74 6.56 32.82
N GLU B 56 -12.96 7.87 32.71
CA GLU B 56 -14.30 8.51 32.78
C GLU B 56 -14.75 8.82 31.36
N ILE B 57 -16.00 8.52 31.03
CA ILE B 57 -16.51 8.72 29.66
C ILE B 57 -17.81 9.52 29.67
N VAL B 58 -18.12 10.08 28.51
CA VAL B 58 -19.44 10.64 28.14
C VAL B 58 -19.94 9.87 26.93
N LEU B 59 -21.23 9.54 26.89
CA LEU B 59 -21.83 8.80 25.78
C LEU B 59 -22.70 9.74 24.94
N THR B 60 -22.81 9.42 23.65
CA THR B 60 -23.70 10.15 22.71
C THR B 60 -24.25 9.16 21.69
N ASN B 61 -25.47 9.42 21.24
CA ASN B 61 -26.06 8.74 20.09
C ASN B 61 -27.20 9.64 19.62
N THR B 62 -27.81 9.29 18.51
CA THR B 62 -28.99 10.02 17.95
C THR B 62 -30.17 9.84 18.91
N ALA B 63 -31.08 10.81 18.96
CA ALA B 63 -32.32 10.74 19.77
C ALA B 63 -33.04 9.42 19.46
N VAL B 64 -33.11 9.04 18.19
CA VAL B 64 -33.79 7.78 17.75
C VAL B 64 -33.05 6.56 18.34
N SER B 65 -31.73 6.49 18.24
CA SER B 65 -30.99 5.33 18.76
C SER B 65 -31.12 5.23 20.29
N ILE B 66 -31.12 6.36 20.98
CA ILE B 66 -31.28 6.39 22.45
C ILE B 66 -32.63 5.73 22.78
N ARG B 67 -33.68 6.06 22.02
CA ARG B 67 -35.07 5.57 22.29
C ARG B 67 -35.18 4.08 21.94
N MET B 68 -34.52 3.65 20.87
CA MET B 68 -34.78 2.34 20.27
C MET B 68 -33.78 1.29 20.83
N GLY B 69 -32.64 1.70 21.35
CA GLY B 69 -31.60 0.78 21.86
C GLY B 69 -31.52 0.81 23.37
N THR B 70 -30.36 0.50 23.94
CA THR B 70 -30.20 0.24 25.40
C THR B 70 -29.04 1.06 25.96
N ILE B 71 -28.66 2.15 25.32
CA ILE B 71 -27.52 3.00 25.78
C ILE B 71 -27.81 3.51 27.20
N GLY B 72 -29.08 3.67 27.60
CA GLY B 72 -29.44 4.09 28.96
C GLY B 72 -28.84 3.16 30.02
N ARG B 73 -28.87 1.86 29.77
CA ARG B 73 -28.29 0.83 30.65
C ARG B 73 -26.76 0.96 30.65
N LEU B 74 -26.15 1.18 29.48
CA LEU B 74 -24.67 1.39 29.42
C LEU B 74 -24.30 2.61 30.25
N ALA B 75 -25.03 3.71 30.10
CA ALA B 75 -24.77 4.99 30.81
C ALA B 75 -24.80 4.73 32.32
N GLU B 76 -25.75 3.91 32.74
CA GLU B 76 -25.93 3.56 34.18
C GLU B 76 -24.72 2.76 34.65
N LYS B 77 -24.34 1.73 33.89
CA LYS B 77 -23.17 0.87 34.18
C LYS B 77 -21.89 1.72 34.26
N CYS B 78 -21.71 2.70 33.36
CA CYS B 78 -20.51 3.57 33.25
C CYS B 78 -20.64 4.82 34.13
N ASN B 79 -21.71 4.93 34.92
CA ASN B 79 -21.94 6.07 35.84
C ASN B 79 -21.75 7.40 35.08
N THR B 80 -22.45 7.61 33.96
CA THR B 80 -22.30 8.85 33.16
C THR B 80 -23.62 9.25 32.50
N ILE B 81 -23.54 10.25 31.63
CA ILE B 81 -24.69 10.87 30.93
C ILE B 81 -24.67 10.43 29.45
N VAL B 82 -25.85 10.47 28.84
CA VAL B 82 -26.03 10.33 27.38
C VAL B 82 -26.45 11.69 26.85
N VAL B 83 -25.66 12.28 25.96
CA VAL B 83 -26.03 13.53 25.23
C VAL B 83 -26.52 13.15 23.84
N PRO B 84 -27.78 13.47 23.49
CA PRO B 84 -28.28 13.25 22.13
C PRO B 84 -27.53 14.16 21.15
N ALA B 85 -27.13 13.60 20.02
CA ALA B 85 -26.56 14.37 18.91
C ALA B 85 -26.64 13.57 17.62
N ASP B 86 -26.95 14.27 16.53
CA ASP B 86 -26.72 13.84 15.14
C ASP B 86 -25.32 14.33 14.76
N ALA B 87 -24.38 13.42 14.48
CA ALA B 87 -22.96 13.76 14.23
C ALA B 87 -22.78 14.38 12.84
N THR B 88 -23.85 14.49 12.05
CA THR B 88 -23.85 15.27 10.78
C THR B 88 -24.24 16.73 11.05
N SER B 89 -24.69 17.04 12.26
CA SER B 89 -25.13 18.42 12.64
C SER B 89 -24.02 19.12 13.43
N VAL B 90 -23.41 20.14 12.81
CA VAL B 90 -22.35 20.95 13.46
C VAL B 90 -22.93 21.52 14.77
N GLU B 91 -24.15 22.02 14.70
CA GLU B 91 -24.87 22.57 15.89
C GLU B 91 -24.96 21.51 16.98
N ASP B 92 -25.38 20.28 16.65
CA ASP B 92 -25.50 19.19 17.66
C ASP B 92 -24.11 18.90 18.22
N LEU B 93 -23.08 18.90 17.36
CA LEU B 93 -21.71 18.57 17.80
C LEU B 93 -21.18 19.67 18.72
N GLU B 94 -21.53 20.92 18.44
CA GLU B 94 -21.12 22.07 19.28
C GLU B 94 -21.72 21.91 20.68
N ASN B 95 -23.01 21.65 20.75
CA ASN B 95 -23.72 21.36 22.01
C ASN B 95 -23.07 20.16 22.71
N LEU B 96 -22.77 19.11 21.97
CA LEU B 96 -22.19 17.88 22.55
C LEU B 96 -20.87 18.20 23.24
N ILE B 97 -19.97 18.89 22.56
CA ILE B 97 -18.61 19.18 23.10
C ILE B 97 -18.77 20.08 24.33
N ASP B 98 -19.64 21.08 24.28
CA ASP B 98 -19.93 21.92 25.47
C ASP B 98 -20.40 21.04 26.64
N LYS B 99 -21.39 20.18 26.43
CA LYS B 99 -21.98 19.35 27.52
C LYS B 99 -20.94 18.35 28.02
N THR B 100 -20.08 17.85 27.13
CA THR B 100 -18.99 16.91 27.50
C THR B 100 -17.95 17.66 28.37
N MET B 101 -17.54 18.85 27.95
CA MET B 101 -16.50 19.61 28.70
C MET B 101 -17.06 20.06 30.07
N GLU B 102 -18.33 20.45 30.11
CA GLU B 102 -19.07 20.74 31.37
C GLU B 102 -19.05 19.52 32.28
N HIS B 103 -19.31 18.32 31.74
CA HIS B 103 -19.37 17.06 32.51
C HIS B 103 -18.01 16.79 33.14
N PHE B 104 -16.93 17.02 32.39
CA PHE B 104 -15.56 16.69 32.83
C PHE B 104 -14.95 17.84 33.63
N GLY B 105 -15.57 19.03 33.59
CA GLY B 105 -14.96 20.25 34.15
C GLY B 105 -13.77 20.73 33.33
N GLY B 106 -13.76 20.44 32.02
CA GLY B 106 -12.74 20.95 31.09
C GLY B 106 -12.46 19.97 29.95
N LYS B 107 -11.20 19.88 29.54
CA LYS B 107 -10.72 19.14 28.34
C LYS B 107 -10.72 17.63 28.63
N PHE B 108 -10.79 16.81 27.59
CA PHE B 108 -10.75 15.34 27.69
C PHE B 108 -9.63 14.81 26.77
N ASP B 109 -9.37 13.51 26.85
CA ASP B 109 -8.16 12.89 26.28
C ASP B 109 -8.47 12.13 24.99
N PHE B 110 -9.61 11.48 24.87
CA PHE B 110 -9.86 10.56 23.74
C PHE B 110 -11.29 10.71 23.22
N MET B 111 -11.45 10.36 21.95
CA MET B 111 -12.75 10.41 21.24
C MET B 111 -12.84 9.20 20.31
N LEU B 112 -13.91 8.41 20.42
CA LEU B 112 -14.20 7.31 19.48
C LEU B 112 -15.34 7.70 18.53
N HIS B 113 -15.04 7.76 17.24
CA HIS B 113 -16.03 7.78 16.15
C HIS B 113 -16.35 6.34 15.78
N SER B 114 -17.58 5.90 16.06
CA SER B 114 -18.07 4.53 15.83
C SER B 114 -19.46 4.64 15.17
N ILE B 115 -19.48 5.25 13.99
CA ILE B 115 -20.71 5.70 13.30
C ILE B 115 -20.60 5.32 11.84
N GLY B 116 -21.66 4.71 11.33
CA GLY B 116 -21.77 4.31 9.91
C GLY B 116 -23.23 3.98 9.58
N MET B 117 -23.70 4.44 8.42
CA MET B 117 -25.04 4.16 7.87
C MET B 117 -25.07 4.60 6.42
N SER B 118 -25.67 3.78 5.56
CA SER B 118 -25.93 4.11 4.13
C SER B 118 -27.43 4.00 3.85
N PRO B 119 -28.12 5.09 3.48
CA PRO B 119 -29.52 4.97 3.05
C PRO B 119 -29.66 4.13 1.76
N ASN B 120 -28.61 4.09 0.91
CA ASN B 120 -28.61 3.24 -0.30
C ASN B 120 -28.70 1.78 0.12
N VAL B 121 -27.82 1.34 1.01
CA VAL B 121 -27.81 -0.05 1.52
C VAL B 121 -29.17 -0.35 2.17
N ARG B 122 -29.63 0.52 3.07
CA ARG B 122 -30.89 0.35 3.85
C ARG B 122 -32.06 0.14 2.90
N LYS B 123 -32.16 0.96 1.87
CA LYS B 123 -33.34 1.02 0.98
C LYS B 123 -33.11 0.08 -0.21
N GLY B 124 -32.10 -0.79 -0.14
CA GLY B 124 -31.76 -1.81 -1.15
C GLY B 124 -31.34 -1.20 -2.50
N ARG B 125 -30.79 0.00 -2.53
CA ARG B 125 -30.24 0.56 -3.79
C ARG B 125 -28.86 -0.06 -4.01
N THR B 126 -28.61 -0.64 -5.18
CA THR B 126 -27.32 -1.28 -5.52
C THR B 126 -26.32 -0.21 -5.99
N TYR B 127 -25.03 -0.53 -5.93
CA TYR B 127 -23.94 0.40 -6.28
C TYR B 127 -24.09 0.91 -7.71
N ASP B 128 -24.65 0.12 -8.64
CA ASP B 128 -24.81 0.52 -10.06
C ASP B 128 -26.14 1.26 -10.25
N ASP B 129 -26.88 1.52 -9.17
CA ASP B 129 -28.19 2.21 -9.24
C ASP B 129 -28.34 3.13 -8.03
N LEU B 130 -27.28 3.85 -7.66
CA LEU B 130 -27.30 4.66 -6.41
C LEU B 130 -28.33 5.77 -6.59
N ASP B 131 -28.96 6.17 -5.48
CA ASP B 131 -29.55 7.52 -5.29
C ASP B 131 -28.46 8.45 -4.77
N TYR B 132 -28.21 9.58 -5.44
CA TYR B 132 -27.07 10.48 -5.11
C TYR B 132 -27.41 11.36 -3.89
N ASP B 133 -28.70 11.55 -3.60
CA ASP B 133 -29.10 12.20 -2.33
C ASP B 133 -28.80 11.21 -1.18
N TYR B 134 -29.11 9.93 -1.35
CA TYR B 134 -28.78 8.88 -0.37
C TYR B 134 -27.24 8.87 -0.18
N LEU B 135 -26.51 8.89 -1.28
CA LEU B 135 -25.04 8.78 -1.25
C LEU B 135 -24.47 9.94 -0.44
N SER B 136 -25.00 11.15 -0.64
CA SER B 136 -24.63 12.33 0.13
C SER B 136 -24.79 12.05 1.63
N LYS B 137 -25.88 11.40 2.03
CA LYS B 137 -26.13 11.05 3.46
C LYS B 137 -25.15 9.95 3.90
N THR B 138 -24.90 8.94 3.08
CA THR B 138 -23.92 7.87 3.40
C THR B 138 -22.59 8.52 3.76
N LEU B 139 -22.12 9.44 2.89
CA LEU B 139 -20.78 10.08 3.01
C LEU B 139 -20.78 11.01 4.25
N ASP B 140 -21.89 11.71 4.48
CA ASP B 140 -22.01 12.63 5.63
C ASP B 140 -21.98 11.82 6.93
N ILE B 141 -22.88 10.86 7.06
CA ILE B 141 -22.99 10.05 8.31
C ILE B 141 -21.69 9.30 8.53
N SER B 142 -21.16 8.64 7.49
CA SER B 142 -20.14 7.58 7.65
C SER B 142 -18.73 8.18 7.61
N ALA B 143 -18.55 9.41 7.10
CA ALA B 143 -17.18 9.99 6.93
C ALA B 143 -17.11 11.45 7.37
N ILE B 144 -17.92 12.32 6.77
CA ILE B 144 -17.81 13.78 7.02
C ILE B 144 -18.08 14.07 8.51
N SER B 145 -18.96 13.31 9.14
CA SER B 145 -19.23 13.41 10.61
C SER B 145 -17.91 13.38 11.40
N PHE B 146 -16.93 12.59 10.97
CA PHE B 146 -15.62 12.54 11.66
C PHE B 146 -14.92 13.89 11.54
N HIS B 147 -14.87 14.46 10.33
CA HIS B 147 -14.28 15.80 10.10
C HIS B 147 -15.05 16.83 10.96
N LYS B 148 -16.36 16.74 10.98
CA LYS B 148 -17.22 17.69 11.73
C LYS B 148 -16.91 17.59 13.23
N ALA B 149 -16.80 16.37 13.78
CA ALA B 149 -16.48 16.19 15.21
C ALA B 149 -15.11 16.79 15.51
N ILE B 150 -14.11 16.48 14.71
CA ILE B 150 -12.73 16.95 14.99
C ILE B 150 -12.68 18.48 14.91
N GLN B 151 -13.26 19.05 13.87
CA GLN B 151 -13.23 20.51 13.59
C GLN B 151 -13.90 21.26 14.75
N VAL B 152 -15.06 20.79 15.21
CA VAL B 152 -15.78 21.38 16.38
C VAL B 152 -14.91 21.21 17.63
N ALA B 153 -14.45 20.00 17.92
CA ALA B 153 -13.64 19.75 19.12
C ALA B 153 -12.44 20.70 19.09
N ARG B 154 -11.74 20.77 17.97
CA ARG B 154 -10.49 21.57 17.87
C ARG B 154 -10.82 23.06 18.04
N LYS B 155 -11.92 23.54 17.47
CA LYS B 155 -12.34 24.97 17.57
C LYS B 155 -12.53 25.32 19.04
N LYS B 156 -13.07 24.39 19.83
CA LYS B 156 -13.35 24.61 21.27
C LYS B 156 -12.14 24.19 22.14
N ASP B 157 -11.04 23.74 21.53
CA ASP B 157 -9.83 23.22 22.22
C ASP B 157 -10.26 22.18 23.28
N ALA B 158 -11.05 21.20 22.86
CA ALA B 158 -11.68 20.21 23.78
C ALA B 158 -10.69 19.15 24.23
N ILE B 159 -9.56 18.97 23.52
CA ILE B 159 -8.74 17.74 23.66
C ILE B 159 -7.35 18.10 24.18
N ASN B 160 -6.94 17.42 25.25
CA ASN B 160 -5.62 17.59 25.91
C ASN B 160 -4.52 17.20 24.93
N ASP B 161 -3.36 17.81 25.10
CA ASP B 161 -2.11 17.39 24.43
C ASP B 161 -1.98 15.86 24.58
N TRP B 162 -1.41 15.20 23.58
CA TRP B 162 -1.15 13.73 23.56
C TRP B 162 -2.48 12.96 23.65
N GLY B 163 -3.59 13.62 23.34
CA GLY B 163 -4.91 12.97 23.18
C GLY B 163 -4.94 12.06 21.96
N SER B 164 -6.01 11.30 21.83
CA SER B 164 -6.14 10.16 20.88
C SER B 164 -7.55 10.13 20.29
N ILE B 165 -7.64 10.19 18.97
CA ILE B 165 -8.93 10.14 18.24
C ILE B 165 -8.89 8.90 17.36
N VAL B 166 -9.90 8.05 17.49
CA VAL B 166 -10.04 6.82 16.66
C VAL B 166 -11.39 6.83 15.94
N ALA B 167 -11.42 6.41 14.68
CA ALA B 167 -12.65 6.06 13.95
C ALA B 167 -12.53 4.61 13.46
N LEU B 168 -13.64 3.90 13.41
CA LEU B 168 -13.69 2.49 12.95
C LEU B 168 -13.94 2.47 11.45
N SER B 169 -13.15 1.65 10.74
CA SER B 169 -13.21 1.53 9.28
C SER B 169 -13.15 0.08 8.87
N TYR B 170 -13.10 -0.17 7.56
CA TYR B 170 -13.25 -1.52 7.01
C TYR B 170 -12.46 -1.60 5.71
N ILE B 171 -11.91 -2.79 5.49
CA ILE B 171 -10.90 -3.07 4.43
C ILE B 171 -11.50 -2.86 3.03
N ALA B 172 -12.84 -2.87 2.87
CA ALA B 172 -13.52 -2.48 1.61
C ALA B 172 -12.99 -1.11 1.10
N ALA B 173 -12.46 -0.25 1.99
CA ALA B 173 -11.78 1.01 1.64
C ALA B 173 -10.60 0.81 0.69
N GLN B 174 -9.92 -0.34 0.78
CA GLN B 174 -8.71 -0.66 -0.04
C GLN B 174 -9.02 -1.75 -1.06
N ARG B 175 -9.79 -2.77 -0.70
CA ARG B 175 -9.97 -3.97 -1.55
C ARG B 175 -11.45 -4.29 -1.64
N THR B 176 -11.98 -4.40 -2.85
CA THR B 176 -13.46 -4.49 -3.09
C THR B 176 -14.05 -5.78 -2.51
N LEU B 177 -15.15 -5.68 -1.76
CA LEU B 177 -15.93 -6.86 -1.32
C LEU B 177 -17.33 -6.79 -1.92
N TYR B 178 -17.67 -7.81 -2.66
CA TYR B 178 -19.02 -8.01 -3.25
C TYR B 178 -20.07 -7.53 -2.28
N GLY B 179 -20.90 -6.58 -2.71
CA GLY B 179 -22.13 -6.16 -2.00
C GLY B 179 -21.92 -5.00 -1.04
N TYR B 180 -20.68 -4.59 -0.77
CA TYR B 180 -20.41 -3.64 0.34
C TYR B 180 -20.94 -2.26 -0.02
N ASN B 181 -21.05 -1.96 -1.31
CA ASN B 181 -21.84 -0.80 -1.81
C ASN B 181 -21.10 0.50 -1.45
N ASP B 182 -21.85 1.59 -1.28
CA ASP B 182 -21.29 2.95 -1.17
C ASP B 182 -20.51 3.08 0.16
N MET B 183 -20.74 2.19 1.13
CA MET B 183 -19.98 2.21 2.40
C MET B 183 -18.48 2.03 2.11
N ALA B 184 -18.12 1.31 1.05
CA ALA B 184 -16.69 1.06 0.73
C ALA B 184 -16.02 2.41 0.47
N ASP B 185 -16.67 3.24 -0.34
CA ASP B 185 -16.14 4.54 -0.77
C ASP B 185 -16.16 5.47 0.45
N ALA B 186 -17.19 5.35 1.29
CA ALA B 186 -17.29 6.19 2.50
C ALA B 186 -16.08 5.90 3.40
N LYS B 187 -15.69 4.63 3.52
CA LYS B 187 -14.59 4.22 4.43
C LYS B 187 -13.26 4.77 3.88
N ALA B 188 -13.09 4.79 2.55
CA ALA B 188 -11.89 5.35 1.89
C ALA B 188 -11.80 6.83 2.27
N LEU B 189 -12.92 7.54 2.28
CA LEU B 189 -12.97 8.97 2.63
C LEU B 189 -12.65 9.15 4.13
N LEU B 190 -13.28 8.34 4.99
CA LEU B 190 -13.08 8.40 6.45
C LEU B 190 -11.57 8.29 6.77
N GLU B 191 -10.90 7.31 6.15
CA GLU B 191 -9.47 7.02 6.45
C GLU B 191 -8.61 8.22 6.04
N SER B 192 -8.96 8.87 4.96
CA SER B 192 -8.24 10.05 4.43
C SER B 192 -8.38 11.20 5.43
N ILE B 193 -9.57 11.40 5.99
CA ILE B 193 -9.78 12.50 6.97
C ILE B 193 -8.81 12.30 8.15
N ALA B 194 -8.64 11.06 8.61
CA ALA B 194 -7.74 10.76 9.75
C ALA B 194 -6.34 11.27 9.43
N ARG B 195 -5.85 11.04 8.22
CA ARG B 195 -4.54 11.55 7.76
C ARG B 195 -4.56 13.09 7.72
N SER B 196 -5.49 13.67 6.96
CA SER B 196 -5.59 15.12 6.74
C SER B 196 -5.60 15.88 8.08
N PHE B 197 -6.47 15.49 9.00
CA PHE B 197 -6.67 16.18 10.30
C PHE B 197 -5.57 15.73 11.28
N GLY B 198 -5.08 14.50 11.13
CA GLY B 198 -3.98 13.98 11.96
C GLY B 198 -2.71 14.81 11.82
N TYR B 199 -2.38 15.24 10.61
CA TYR B 199 -1.18 16.10 10.36
C TYR B 199 -1.34 17.41 11.16
N ILE B 200 -2.51 18.04 11.08
CA ILE B 200 -2.82 19.31 11.80
C ILE B 200 -2.77 19.07 13.31
N TYR B 201 -3.57 18.15 13.84
CA TYR B 201 -3.76 18.02 15.30
C TYR B 201 -2.44 17.55 15.94
N GLY B 202 -1.66 16.75 15.23
CA GLY B 202 -0.42 16.19 15.78
C GLY B 202 0.65 17.26 15.93
N ARG B 203 0.87 18.07 14.90
CA ARG B 203 1.97 19.06 14.90
C ARG B 203 1.68 20.13 15.95
N GLU B 204 0.40 20.36 16.29
CA GLU B 204 -0.05 21.44 17.21
C GLU B 204 0.02 20.96 18.67
N LYS B 205 -0.63 19.83 18.96
CA LYS B 205 -0.97 19.40 20.33
C LYS B 205 -0.59 17.94 20.54
N HIS B 206 0.13 17.33 19.59
CA HIS B 206 0.58 15.91 19.69
C HIS B 206 -0.64 14.99 19.87
N VAL B 207 -1.80 15.41 19.37
CA VAL B 207 -3.03 14.58 19.31
C VAL B 207 -2.89 13.63 18.14
N ARG B 208 -2.96 12.33 18.40
CA ARG B 208 -2.88 11.29 17.35
C ARG B 208 -4.29 10.97 16.87
N ILE B 209 -4.43 10.70 15.58
CA ILE B 209 -5.71 10.33 14.94
C ILE B 209 -5.45 9.12 14.06
N ASN B 210 -6.20 8.05 14.28
CA ASN B 210 -5.98 6.75 13.58
C ASN B 210 -7.33 6.16 13.23
N THR B 211 -7.38 5.32 12.22
CA THR B 211 -8.54 4.43 11.99
C THR B 211 -8.17 2.99 12.39
N VAL B 212 -9.13 2.28 12.95
CA VAL B 212 -8.99 0.83 13.20
C VAL B 212 -9.87 0.13 12.17
N SER B 213 -9.24 -0.67 11.32
CA SER B 213 -9.95 -1.40 10.25
C SER B 213 -10.28 -2.80 10.78
N GLN B 214 -11.55 -2.99 11.19
CA GLN B 214 -12.06 -4.11 11.99
C GLN B 214 -12.61 -5.22 11.07
N SER B 215 -12.59 -6.46 11.57
CA SER B 215 -13.25 -7.62 10.93
C SER B 215 -14.72 -7.31 10.70
N PRO B 216 -15.40 -8.02 9.78
CA PRO B 216 -16.85 -8.02 9.77
C PRO B 216 -17.35 -8.59 11.11
N THR B 217 -18.31 -7.90 11.72
CA THR B 217 -18.69 -8.11 13.13
C THR B 217 -20.21 -8.12 13.21
N PRO B 218 -20.82 -9.02 14.03
CA PRO B 218 -22.27 -9.06 14.18
C PRO B 218 -22.80 -7.94 15.09
N THR B 219 -23.26 -6.87 14.43
CA THR B 219 -23.78 -5.62 15.05
C THR B 219 -25.01 -5.18 14.25
N THR B 220 -25.75 -4.20 14.72
CA THR B 220 -26.95 -3.74 13.98
C THR B 220 -26.51 -3.28 12.57
N ALA B 221 -25.54 -2.37 12.48
CA ALA B 221 -25.02 -1.82 11.19
C ALA B 221 -24.43 -2.97 10.36
N GLY B 222 -23.67 -3.86 10.99
CA GLY B 222 -23.10 -5.03 10.31
C GLY B 222 -24.17 -5.90 9.65
N SER B 223 -25.31 -6.11 10.33
CA SER B 223 -26.41 -7.00 9.90
C SER B 223 -27.08 -6.46 8.63
N GLY B 224 -26.92 -5.16 8.33
CA GLY B 224 -27.45 -4.55 7.12
C GLY B 224 -26.60 -4.83 5.88
N VAL B 225 -25.38 -5.35 6.04
CA VAL B 225 -24.48 -5.59 4.87
C VAL B 225 -25.08 -6.73 4.04
N LEU B 226 -25.11 -6.60 2.71
CA LEU B 226 -25.61 -7.67 1.82
C LEU B 226 -24.88 -8.96 2.16
N GLY B 227 -25.63 -10.05 2.40
CA GLY B 227 -25.08 -11.41 2.61
C GLY B 227 -24.01 -11.44 3.69
N MET B 228 -24.20 -10.69 4.78
CA MET B 228 -23.16 -10.48 5.81
C MET B 228 -22.68 -11.83 6.38
N GLY B 229 -23.59 -12.74 6.66
CA GLY B 229 -23.21 -14.06 7.20
C GLY B 229 -22.20 -14.76 6.32
N ASP B 230 -22.37 -14.71 5.00
CA ASP B 230 -21.47 -15.40 4.05
C ASP B 230 -20.15 -14.62 3.93
N LEU B 231 -20.22 -13.29 3.95
CA LEU B 231 -19.03 -12.42 3.93
C LEU B 231 -18.22 -12.71 5.20
N MET B 232 -18.88 -12.80 6.37
CA MET B 232 -18.16 -13.12 7.62
C MET B 232 -17.46 -14.48 7.49
N ASN B 233 -18.10 -15.49 6.91
CA ASN B 233 -17.48 -16.83 6.73
C ASN B 233 -16.26 -16.75 5.83
N PHE B 234 -16.37 -16.03 4.74
CA PHE B 234 -15.22 -15.81 3.83
C PHE B 234 -14.04 -15.20 4.63
N ALA B 235 -14.30 -14.14 5.39
CA ALA B 235 -13.26 -13.42 6.16
C ALA B 235 -12.64 -14.38 7.20
N GLU B 236 -13.49 -15.17 7.86
CA GLU B 236 -13.09 -16.15 8.89
C GLU B 236 -12.08 -17.12 8.26
N ASN B 237 -12.39 -17.64 7.09
CA ASN B 237 -11.56 -18.66 6.41
C ASN B 237 -10.24 -18.03 5.95
N MET B 238 -10.28 -16.75 5.59
CA MET B 238 -9.08 -16.04 5.08
C MET B 238 -8.16 -15.65 6.24
N SER B 239 -8.72 -15.43 7.43
CA SER B 239 -8.02 -14.87 8.60
C SER B 239 -7.41 -15.98 9.45
N PRO B 240 -6.07 -16.12 9.48
CA PRO B 240 -5.45 -17.18 10.29
C PRO B 240 -5.83 -17.19 11.77
N LEU B 241 -6.04 -16.03 12.40
CA LEU B 241 -6.47 -15.97 13.82
C LEU B 241 -8.00 -15.99 13.92
N GLY B 242 -8.71 -16.04 12.79
CA GLY B 242 -10.18 -15.89 12.71
C GLY B 242 -10.60 -14.42 12.83
N ASN B 243 -11.88 -14.14 12.63
CA ASN B 243 -12.40 -12.76 12.74
C ASN B 243 -12.17 -12.24 14.17
N ALA B 244 -11.91 -10.95 14.29
CA ALA B 244 -11.90 -10.23 15.57
C ALA B 244 -13.33 -9.94 16.01
N SER B 245 -13.66 -10.20 17.27
CA SER B 245 -14.97 -9.84 17.86
C SER B 245 -15.02 -8.34 18.15
N ALA B 246 -16.20 -7.82 18.51
CA ALA B 246 -16.36 -6.44 19.03
C ALA B 246 -15.55 -6.29 20.33
N ASN B 247 -15.57 -7.29 21.20
CA ASN B 247 -14.73 -7.29 22.44
C ASN B 247 -13.23 -7.19 22.11
N ASP B 248 -12.75 -7.94 21.12
CA ASP B 248 -11.34 -7.90 20.66
C ASP B 248 -11.02 -6.47 20.20
N CYS B 249 -11.92 -5.89 19.42
CA CYS B 249 -11.71 -4.55 18.87
C CYS B 249 -11.56 -3.56 20.03
N ALA B 250 -12.41 -3.66 21.06
CA ALA B 250 -12.35 -2.74 22.22
C ALA B 250 -10.96 -2.82 22.87
N ASP B 251 -10.42 -4.03 23.00
CA ASP B 251 -9.08 -4.29 23.62
C ASP B 251 -8.03 -3.50 22.84
N TYR B 252 -8.09 -3.58 21.51
CA TYR B 252 -7.11 -2.92 20.62
C TYR B 252 -7.25 -1.39 20.73
N VAL B 253 -8.47 -0.89 20.64
CA VAL B 253 -8.76 0.57 20.77
C VAL B 253 -8.22 1.08 22.12
N LEU B 254 -8.32 0.29 23.19
CA LEU B 254 -7.75 0.68 24.52
C LEU B 254 -6.26 1.03 24.37
N THR B 255 -5.50 0.28 23.56
CA THR B 255 -4.05 0.54 23.37
C THR B 255 -3.89 1.90 22.71
N LEU B 256 -4.78 2.27 21.78
CA LEU B 256 -4.67 3.56 21.05
C LEU B 256 -5.04 4.72 21.96
N PHE B 257 -5.91 4.50 22.95
CA PHE B 257 -6.24 5.54 23.94
C PHE B 257 -5.15 5.64 25.02
N SER B 258 -4.37 4.58 25.23
CA SER B 258 -3.33 4.53 26.28
C SER B 258 -2.12 5.37 25.85
N ASP B 259 -1.25 5.68 26.82
CA ASP B 259 0.00 6.43 26.61
C ASP B 259 1.01 5.59 25.82
N LEU B 260 0.80 4.29 25.69
CA LEU B 260 1.79 3.39 25.04
C LEU B 260 1.80 3.56 23.50
N THR B 261 0.81 4.24 22.92
CA THR B 261 0.72 4.46 21.44
C THR B 261 0.92 5.94 21.06
N ARG B 262 1.60 6.74 21.89
CA ARG B 262 1.68 8.21 21.71
C ARG B 262 2.37 8.59 20.40
N LYS B 263 3.15 7.70 19.79
CA LYS B 263 3.85 8.03 18.50
C LYS B 263 3.17 7.37 17.30
N VAL B 264 1.98 6.80 17.47
CA VAL B 264 1.21 6.19 16.35
C VAL B 264 0.14 7.18 15.89
N THR B 265 0.26 7.66 14.67
CA THR B 265 -0.74 8.63 14.12
C THR B 265 -0.84 8.47 12.62
N MET B 266 -2.01 8.79 12.09
CA MET B 266 -2.34 8.86 10.66
C MET B 266 -2.29 7.44 10.07
N GLN B 267 -2.47 6.41 10.92
CA GLN B 267 -2.41 5.00 10.52
C GLN B 267 -3.83 4.47 10.34
N ASN B 268 -3.97 3.58 9.38
CA ASN B 268 -5.13 2.70 9.22
C ASN B 268 -4.73 1.31 9.73
N LEU B 269 -5.23 0.92 10.86
CA LEU B 269 -4.65 -0.21 11.64
C LEU B 269 -5.56 -1.41 11.54
N TYR B 270 -5.12 -2.43 10.80
CA TYR B 270 -5.91 -3.64 10.54
C TYR B 270 -5.98 -4.50 11.81
N HIS B 271 -7.21 -4.75 12.24
CA HIS B 271 -7.52 -5.56 13.44
C HIS B 271 -8.50 -6.67 13.03
N ASP B 272 -7.98 -7.73 12.45
CA ASP B 272 -8.78 -8.57 11.52
C ASP B 272 -8.25 -10.01 11.50
N GLY B 273 -7.42 -10.39 12.45
CA GLY B 273 -6.81 -11.72 12.56
C GLY B 273 -5.97 -12.07 11.34
N GLY B 274 -5.52 -11.05 10.60
CA GLY B 274 -4.61 -11.24 9.44
C GLY B 274 -5.28 -11.10 8.05
N PHE B 275 -6.59 -10.91 7.98
CA PHE B 275 -7.29 -10.83 6.68
C PHE B 275 -6.53 -9.91 5.72
N ALA B 276 -6.15 -8.69 6.14
CA ALA B 276 -5.61 -7.66 5.24
C ALA B 276 -4.34 -8.18 4.56
N SER B 277 -3.60 -9.06 5.21
CA SER B 277 -2.27 -9.50 4.73
C SER B 277 -2.36 -10.84 3.99
N MET B 278 -3.57 -11.39 3.85
CA MET B 278 -3.80 -12.71 3.22
C MET B 278 -4.14 -12.50 1.74
N GLY B 279 -3.56 -13.34 0.90
CA GLY B 279 -3.91 -13.42 -0.52
C GLY B 279 -4.83 -14.60 -0.77
N MET B 280 -4.49 -15.76 -0.22
CA MET B 280 -5.26 -17.02 -0.37
C MET B 280 -4.93 -17.95 0.79
N SER B 281 -5.88 -18.18 1.67
CA SER B 281 -5.79 -19.24 2.71
C SER B 281 -6.18 -20.57 2.07
N ARG B 282 -5.69 -21.65 2.65
CA ARG B 282 -6.18 -23.01 2.33
C ARG B 282 -7.69 -23.11 2.54
N ARG B 283 -8.20 -22.61 3.67
CA ARG B 283 -9.65 -22.73 4.03
C ARG B 283 -10.54 -22.01 3.00
N ALA B 284 -10.05 -20.97 2.34
CA ALA B 284 -10.82 -20.16 1.37
C ALA B 284 -10.96 -20.89 0.03
N MET B 285 -10.14 -21.92 -0.22
CA MET B 285 -10.12 -22.62 -1.53
C MET B 285 -11.36 -23.52 -1.64
N LYS B 286 -11.97 -23.55 -2.81
CA LYS B 286 -13.21 -24.34 -3.06
C LYS B 286 -12.93 -25.83 -2.98
N THR B 287 -11.71 -26.28 -3.26
CA THR B 287 -11.29 -27.71 -3.17
C THR B 287 -11.05 -28.14 -1.73
N TYR B 288 -11.09 -27.22 -0.76
CA TYR B 288 -10.78 -27.53 0.66
C TYR B 288 -12.03 -28.06 1.36
N GLU B 289 -11.85 -29.11 2.15
CA GLU B 289 -12.83 -29.61 3.15
C GLU B 289 -12.12 -29.81 4.48
N LYS B 290 -12.79 -29.50 5.58
CA LYS B 290 -12.25 -29.63 6.95
C LYS B 290 -11.70 -31.05 7.11
N GLY B 291 -10.46 -31.18 7.59
CA GLY B 291 -9.78 -32.47 7.84
C GLY B 291 -8.83 -32.84 6.72
N MET B 292 -8.85 -32.13 5.59
CA MET B 292 -7.84 -32.32 4.55
C MET B 292 -6.48 -31.89 5.11
N ARG B 293 -5.44 -32.65 4.78
CA ARG B 293 -4.05 -32.42 5.20
C ARG B 293 -3.54 -31.12 4.53
N PHE B 294 -2.89 -30.25 5.29
CA PHE B 294 -2.17 -29.06 4.80
C PHE B 294 -0.82 -29.51 4.26
N GLU B 295 -0.52 -29.16 3.00
CA GLU B 295 0.71 -29.65 2.32
C GLU B 295 1.82 -28.58 2.31
N ASP B 296 1.57 -27.43 2.91
CA ASP B 296 2.51 -26.30 2.93
C ASP B 296 3.42 -26.37 4.16
N VAL B 297 3.22 -27.39 5.03
CA VAL B 297 4.04 -27.53 6.26
C VAL B 297 4.50 -28.99 6.43
N HIS B 298 5.63 -29.14 7.14
CA HIS B 298 6.28 -30.42 7.50
C HIS B 298 5.69 -30.96 8.81
N GLN B 299 5.21 -30.10 9.68
CA GLN B 299 4.59 -30.52 10.95
C GLN B 299 3.31 -29.74 11.18
N ASN B 300 2.41 -30.29 12.00
CA ASN B 300 1.08 -29.69 12.30
C ASN B 300 0.29 -29.58 11.00
N GLN B 301 0.18 -30.67 10.25
CA GLN B 301 -0.49 -30.69 8.92
C GLN B 301 -2.01 -30.74 9.09
N TYR B 302 -2.50 -30.82 10.33
CA TYR B 302 -3.95 -30.84 10.63
C TYR B 302 -4.26 -29.76 11.67
N PRO B 303 -4.07 -28.47 11.32
CA PRO B 303 -4.24 -27.39 12.30
C PRO B 303 -5.67 -27.21 12.81
N PHE B 304 -6.66 -27.74 12.10
CA PHE B 304 -8.11 -27.61 12.47
C PHE B 304 -8.66 -28.99 12.81
N GLY B 305 -7.76 -29.93 13.13
CA GLY B 305 -8.10 -31.31 13.53
C GLY B 305 -8.23 -32.25 12.36
N GLU B 306 -8.29 -33.56 12.64
CA GLU B 306 -8.76 -34.62 11.71
C GLU B 306 -10.22 -34.92 12.01
N TYR C 23 1.47 -0.92 34.77
CA TYR C 23 0.18 -1.51 34.32
C TYR C 23 0.12 -3.02 34.59
N ASN C 24 1.24 -3.69 34.83
CA ASN C 24 1.25 -5.16 34.96
C ASN C 24 0.77 -5.80 33.66
N LEU C 25 1.05 -5.17 32.53
CA LEU C 25 0.49 -5.55 31.22
C LEU C 25 0.94 -6.98 30.85
N LEU C 26 2.14 -7.38 31.27
CA LEU C 26 2.76 -8.67 30.87
C LEU C 26 2.94 -9.57 32.10
N LYS C 27 2.14 -9.38 33.14
CA LYS C 27 2.22 -10.24 34.35
C LYS C 27 2.04 -11.71 33.94
N GLY C 28 2.97 -12.57 34.37
CA GLY C 28 2.91 -14.03 34.15
C GLY C 28 3.45 -14.43 32.78
N LYS C 29 3.75 -13.46 31.92
CA LYS C 29 4.31 -13.74 30.57
C LYS C 29 5.82 -13.93 30.65
N LYS C 30 6.34 -14.70 29.69
CA LYS C 30 7.77 -15.06 29.57
C LYS C 30 8.19 -14.76 28.14
N GLY C 31 9.36 -14.20 27.96
CA GLY C 31 9.80 -13.80 26.62
C GLY C 31 11.29 -13.94 26.41
N LEU C 32 11.67 -14.06 25.13
CA LEU C 32 13.08 -14.11 24.69
C LEU C 32 13.37 -12.83 23.88
N ILE C 33 14.38 -12.05 24.29
CA ILE C 33 14.73 -10.76 23.66
C ILE C 33 16.12 -10.86 23.00
N PHE C 34 16.16 -10.70 21.67
CA PHE C 34 17.42 -10.58 20.90
C PHE C 34 17.88 -9.12 20.83
N GLY C 35 19.18 -8.92 20.75
CA GLY C 35 19.80 -7.70 20.18
C GLY C 35 19.99 -6.55 21.17
N ALA C 36 19.87 -6.76 22.49
CA ALA C 36 20.26 -5.70 23.47
C ALA C 36 21.80 -5.59 23.53
N LEU C 37 22.37 -4.56 22.91
CA LEU C 37 23.84 -4.34 22.85
C LEU C 37 24.25 -3.45 24.01
N ASN C 38 23.52 -2.36 24.21
CA ASN C 38 23.88 -1.28 25.17
C ASN C 38 22.60 -0.53 25.51
N GLU C 39 22.67 0.43 26.43
CA GLU C 39 21.47 1.08 27.00
C GLU C 39 20.73 1.90 25.93
N GLN C 40 21.33 2.15 24.76
CA GLN C 40 20.65 2.87 23.64
C GLN C 40 19.86 1.89 22.75
N SER C 41 20.15 0.58 22.81
CA SER C 41 19.51 -0.47 21.97
C SER C 41 17.99 -0.41 22.17
N ILE C 42 17.21 -0.54 21.11
CA ILE C 42 15.74 -0.67 21.27
C ILE C 42 15.42 -1.91 22.13
N ALA C 43 16.09 -3.03 21.89
CA ALA C 43 15.89 -4.30 22.65
C ALA C 43 16.20 -4.08 24.14
N TRP C 44 17.14 -3.19 24.49
CA TRP C 44 17.47 -2.94 25.91
C TRP C 44 16.24 -2.31 26.53
N LYS C 45 15.68 -1.32 25.87
CA LYS C 45 14.48 -0.60 26.36
C LYS C 45 13.32 -1.58 26.48
N VAL C 46 13.14 -2.44 25.47
CA VAL C 46 12.04 -3.44 25.51
C VAL C 46 12.22 -4.35 26.72
N ALA C 47 13.45 -4.81 26.99
CA ALA C 47 13.76 -5.71 28.12
C ALA C 47 13.37 -5.05 29.45
N GLU C 48 13.86 -3.84 29.70
CA GLU C 48 13.58 -3.08 30.94
C GLU C 48 12.07 -2.98 31.10
N ARG C 49 11.40 -2.55 30.03
CA ARG C 49 9.95 -2.21 30.09
C ARG C 49 9.17 -3.49 30.26
N ALA C 50 9.58 -4.60 29.63
CA ALA C 50 8.89 -5.90 29.75
C ALA C 50 8.90 -6.36 31.22
N VAL C 51 10.06 -6.25 31.88
CA VAL C 51 10.25 -6.68 33.29
C VAL C 51 9.50 -5.71 34.21
N GLU C 52 9.53 -4.40 33.93
CA GLU C 52 8.73 -3.40 34.68
C GLU C 52 7.24 -3.79 34.61
N GLU C 53 6.81 -4.39 33.50
CA GLU C 53 5.38 -4.69 33.24
C GLU C 53 5.06 -6.12 33.70
N GLY C 54 6.01 -6.82 34.31
CA GLY C 54 5.77 -8.06 35.06
C GLY C 54 6.23 -9.29 34.32
N ALA C 55 6.87 -9.14 33.17
CA ALA C 55 7.37 -10.30 32.40
C ALA C 55 8.65 -10.84 33.06
N GLU C 56 8.92 -12.10 32.83
CA GLU C 56 10.25 -12.73 32.96
C GLU C 56 10.85 -12.83 31.57
N ILE C 57 12.14 -12.55 31.43
CA ILE C 57 12.80 -12.61 30.10
C ILE C 57 14.08 -13.41 30.18
N VAL C 58 14.55 -13.85 29.01
CA VAL C 58 15.90 -14.36 28.74
C VAL C 58 16.50 -13.45 27.68
N LEU C 59 17.78 -13.08 27.83
CA LEU C 59 18.51 -12.20 26.89
C LEU C 59 19.45 -13.05 26.06
N THR C 60 19.69 -12.62 24.84
CA THR C 60 20.68 -13.24 23.94
C THR C 60 21.34 -12.13 23.12
N ASN C 61 22.60 -12.35 22.74
CA ASN C 61 23.31 -11.54 21.74
C ASN C 61 24.50 -12.39 21.28
N THR C 62 25.25 -11.90 20.30
CA THR C 62 26.46 -12.59 19.81
C THR C 62 27.51 -12.57 20.93
N ALA C 63 28.37 -13.59 20.97
CA ALA C 63 29.56 -13.61 21.86
C ALA C 63 30.30 -12.28 21.74
N VAL C 64 30.53 -11.79 20.52
CA VAL C 64 31.29 -10.50 20.32
C VAL C 64 30.52 -9.36 21.00
N SER C 65 29.20 -9.27 20.81
CA SER C 65 28.41 -8.16 21.38
C SER C 65 28.41 -8.24 22.91
N ILE C 66 28.36 -9.46 23.47
CA ILE C 66 28.37 -9.66 24.94
C ILE C 66 29.68 -9.05 25.48
N ARG C 67 30.81 -9.27 24.80
CA ARG C 67 32.15 -8.77 25.26
C ARG C 67 32.30 -7.26 25.03
N MET C 68 31.79 -6.71 23.92
CA MET C 68 32.04 -5.30 23.52
C MET C 68 30.99 -4.37 24.11
N GLY C 69 29.83 -4.89 24.49
CA GLY C 69 28.69 -4.09 24.99
C GLY C 69 28.49 -4.28 26.48
N THR C 70 27.31 -3.97 27.00
CA THR C 70 26.98 -3.90 28.44
C THR C 70 25.78 -4.78 28.80
N ILE C 71 25.47 -5.79 27.99
CA ILE C 71 24.24 -6.62 28.19
C ILE C 71 24.29 -7.30 29.58
N GLY C 72 25.48 -7.64 30.07
CA GLY C 72 25.64 -8.17 31.44
C GLY C 72 24.94 -7.32 32.50
N ARG C 73 25.05 -6.00 32.39
CA ARG C 73 24.38 -5.01 33.28
C ARG C 73 22.86 -5.15 33.16
N LEU C 74 22.34 -5.30 31.93
CA LEU C 74 20.88 -5.45 31.69
C LEU C 74 20.40 -6.77 32.32
N ALA C 75 21.15 -7.85 32.13
CA ALA C 75 20.78 -9.17 32.68
C ALA C 75 20.67 -9.07 34.21
N GLU C 76 21.60 -8.32 34.83
CA GLU C 76 21.62 -8.12 36.31
C GLU C 76 20.33 -7.39 36.73
N LYS C 77 20.02 -6.24 36.12
CA LYS C 77 18.78 -5.45 36.37
C LYS C 77 17.52 -6.29 36.11
N CYS C 78 17.54 -7.21 35.14
CA CYS C 78 16.36 -8.03 34.72
C CYS C 78 16.34 -9.38 35.45
N ASN C 79 17.33 -9.60 36.33
CA ASN C 79 17.44 -10.82 37.17
C ASN C 79 17.41 -12.06 36.27
N THR C 80 18.25 -12.13 35.24
CA THR C 80 18.15 -13.25 34.29
C THR C 80 19.51 -13.54 33.67
N ILE C 81 19.52 -14.45 32.71
CA ILE C 81 20.74 -14.97 32.05
C ILE C 81 20.88 -14.31 30.67
N VAL C 82 22.12 -14.32 30.16
CA VAL C 82 22.45 -14.01 28.76
C VAL C 82 22.93 -15.28 28.10
N VAL C 83 22.21 -15.77 27.10
CA VAL C 83 22.62 -16.95 26.28
C VAL C 83 23.29 -16.44 25.00
N PRO C 84 24.57 -16.76 24.76
CA PRO C 84 25.24 -16.34 23.53
C PRO C 84 24.66 -17.10 22.34
N ALA C 85 24.48 -16.39 21.22
CA ALA C 85 23.92 -16.96 19.97
C ALA C 85 24.19 -16.02 18.80
N ASP C 86 24.70 -16.60 17.72
CA ASP C 86 24.63 -15.98 16.38
C ASP C 86 23.27 -16.36 15.79
N ALA C 87 22.38 -15.40 15.56
CA ALA C 87 21.02 -15.68 15.05
C ALA C 87 21.05 -16.11 13.58
N THR C 88 22.24 -16.16 12.92
CA THR C 88 22.38 -16.78 11.58
C THR C 88 22.73 -18.26 11.70
N SER C 89 23.07 -18.72 12.90
CA SER C 89 23.41 -20.15 13.16
C SER C 89 22.19 -20.90 13.68
N VAL C 90 21.71 -21.88 12.90
CA VAL C 90 20.61 -22.78 13.30
C VAL C 90 21.06 -23.54 14.55
N GLU C 91 22.30 -23.99 14.59
CA GLU C 91 22.82 -24.74 15.78
C GLU C 91 22.74 -23.86 17.04
N ASP C 92 23.14 -22.60 16.94
CA ASP C 92 23.14 -21.65 18.08
C ASP C 92 21.70 -21.34 18.49
N LEU C 93 20.78 -21.22 17.53
CA LEU C 93 19.35 -20.97 17.84
C LEU C 93 18.73 -22.19 18.54
N GLU C 94 19.07 -23.41 18.11
CA GLU C 94 18.62 -24.67 18.76
C GLU C 94 19.06 -24.68 20.23
N ASN C 95 20.34 -24.40 20.50
CA ASN C 95 20.90 -24.27 21.87
C ASN C 95 20.16 -23.17 22.61
N LEU C 96 20.04 -21.99 22.01
CA LEU C 96 19.36 -20.83 22.65
C LEU C 96 17.95 -21.23 23.08
N ILE C 97 17.16 -21.82 22.18
CA ILE C 97 15.74 -22.16 22.52
C ILE C 97 15.74 -23.22 23.64
N ASP C 98 16.60 -24.22 23.59
CA ASP C 98 16.72 -25.24 24.68
C ASP C 98 17.01 -24.55 26.02
N LYS C 99 17.99 -23.65 26.06
CA LYS C 99 18.43 -22.98 27.32
C LYS C 99 17.32 -22.05 27.81
N THR C 100 16.64 -21.39 26.89
CA THR C 100 15.53 -20.47 27.24
C THR C 100 14.40 -21.29 27.88
N MET C 101 13.99 -22.37 27.23
CA MET C 101 12.90 -23.22 27.76
C MET C 101 13.33 -23.86 29.10
N GLU C 102 14.60 -24.23 29.25
CA GLU C 102 15.10 -24.76 30.55
C GLU C 102 14.98 -23.68 31.63
N HIS C 103 15.37 -22.44 31.32
CA HIS C 103 15.31 -21.31 32.28
C HIS C 103 13.88 -21.08 32.75
N PHE C 104 12.89 -21.18 31.84
CA PHE C 104 11.45 -20.90 32.11
C PHE C 104 10.71 -22.17 32.60
N GLY C 105 11.33 -23.34 32.53
CA GLY C 105 10.69 -24.63 32.85
C GLY C 105 9.62 -24.99 31.83
N GLY C 106 9.76 -24.52 30.58
CA GLY C 106 8.86 -24.87 29.47
C GLY C 106 8.71 -23.75 28.45
N LYS C 107 7.52 -23.59 27.91
CA LYS C 107 7.23 -22.69 26.75
C LYS C 107 7.19 -21.24 27.23
N PHE C 108 7.35 -20.30 26.30
CA PHE C 108 7.28 -18.85 26.59
C PHE C 108 6.30 -18.22 25.60
N ASP C 109 6.00 -16.96 25.83
CA ASP C 109 4.87 -16.23 25.24
C ASP C 109 5.34 -15.29 24.13
N PHE C 110 6.46 -14.58 24.30
CA PHE C 110 6.84 -13.55 23.29
C PHE C 110 8.31 -13.67 22.90
N MET C 111 8.62 -13.12 21.74
CA MET C 111 9.99 -13.10 21.19
C MET C 111 10.20 -11.79 20.44
N LEU C 112 11.30 -11.09 20.73
CA LEU C 112 11.68 -9.89 19.98
C LEU C 112 12.93 -10.17 19.15
N HIS C 113 12.79 -10.02 17.85
CA HIS C 113 13.92 -9.94 16.89
C HIS C 113 14.29 -8.47 16.71
N SER C 114 15.50 -8.12 17.14
CA SER C 114 15.99 -6.72 17.14
C SER C 114 17.45 -6.73 16.68
N ILE C 115 17.65 -7.18 15.44
CA ILE C 115 18.95 -7.57 14.84
C ILE C 115 19.03 -6.98 13.43
N GLY C 116 20.11 -6.28 13.15
CA GLY C 116 20.40 -5.78 11.80
C GLY C 116 21.86 -5.39 11.67
N MET C 117 22.48 -5.71 10.55
CA MET C 117 23.89 -5.39 10.29
C MET C 117 24.13 -5.61 8.81
N SER C 118 24.83 -4.68 8.17
CA SER C 118 25.25 -4.81 6.75
C SER C 118 26.77 -4.67 6.71
N PRO C 119 27.52 -5.71 6.34
CA PRO C 119 28.94 -5.56 6.06
C PRO C 119 29.20 -4.58 4.93
N ASN C 120 28.27 -4.46 3.95
CA ASN C 120 28.39 -3.44 2.88
C ASN C 120 28.44 -2.05 3.53
N VAL C 121 27.44 -1.72 4.34
CA VAL C 121 27.41 -0.40 5.03
C VAL C 121 28.67 -0.24 5.88
N ARG C 122 29.03 -1.25 6.67
CA ARG C 122 30.14 -1.16 7.67
C ARG C 122 31.46 -0.89 6.93
N LYS C 123 31.67 -1.48 5.76
CA LYS C 123 32.96 -1.41 5.04
C LYS C 123 32.92 -0.26 4.03
N GLY C 124 31.88 0.55 4.03
CA GLY C 124 31.73 1.71 3.13
C GLY C 124 31.47 1.30 1.67
N ARG C 125 30.90 0.12 1.42
CA ARG C 125 30.50 -0.26 0.04
C ARG C 125 29.14 0.35 -0.24
N THR C 126 28.99 0.98 -1.40
CA THR C 126 27.75 1.71 -1.81
C THR C 126 26.84 0.74 -2.57
N TYR C 127 25.56 1.08 -2.68
CA TYR C 127 24.51 0.17 -3.23
C TYR C 127 24.83 -0.19 -4.68
N ASP C 128 25.53 0.71 -5.39
CA ASP C 128 25.84 0.53 -6.83
C ASP C 128 27.16 -0.24 -6.99
N ASP C 129 27.75 -0.69 -5.89
CA ASP C 129 29.09 -1.34 -5.88
C ASP C 129 29.10 -2.36 -4.74
N LEU C 130 28.02 -3.13 -4.59
CA LEU C 130 27.90 -4.10 -3.49
C LEU C 130 28.95 -5.19 -3.68
N ASP C 131 29.45 -5.69 -2.57
CA ASP C 131 30.09 -7.03 -2.48
C ASP C 131 28.96 -8.01 -2.22
N TYR C 132 28.83 -9.05 -3.02
CA TYR C 132 27.67 -9.97 -2.97
C TYR C 132 27.81 -11.01 -1.85
N ASP C 133 29.02 -11.29 -1.38
CA ASP C 133 29.24 -12.07 -0.13
C ASP C 133 28.79 -11.22 1.07
N TYR C 134 29.13 -9.93 1.10
CA TYR C 134 28.65 -9.01 2.16
C TYR C 134 27.11 -8.95 2.11
N LEU C 135 26.52 -8.86 0.92
CA LEU C 135 25.03 -8.71 0.79
C LEU C 135 24.36 -9.97 1.33
N SER C 136 24.89 -11.13 0.99
CA SER C 136 24.41 -12.43 1.51
C SER C 136 24.44 -12.40 3.06
N LYS C 137 25.50 -11.84 3.69
CA LYS C 137 25.57 -11.67 5.17
C LYS C 137 24.52 -10.65 5.62
N THR C 138 24.38 -9.52 4.94
CA THR C 138 23.34 -8.51 5.32
C THR C 138 21.98 -9.19 5.42
N LEU C 139 21.60 -9.93 4.38
CA LEU C 139 20.25 -10.55 4.28
C LEU C 139 20.11 -11.64 5.33
N ASP C 140 21.17 -12.39 5.57
CA ASP C 140 21.19 -13.46 6.61
C ASP C 140 21.00 -12.81 7.99
N ILE C 141 21.86 -11.86 8.37
CA ILE C 141 21.82 -11.25 9.72
C ILE C 141 20.49 -10.53 9.91
N SER C 142 20.06 -9.77 8.90
CA SER C 142 19.05 -8.70 9.05
C SER C 142 17.64 -9.24 8.80
N ALA C 143 17.50 -10.39 8.15
CA ALA C 143 16.18 -10.90 7.73
C ALA C 143 16.08 -12.42 7.94
N ILE C 144 16.97 -13.19 7.35
CA ILE C 144 16.83 -14.68 7.36
C ILE C 144 16.93 -15.17 8.83
N SER C 145 17.70 -14.48 9.67
CA SER C 145 17.82 -14.78 11.11
C SER C 145 16.41 -14.86 11.74
N PHE C 146 15.45 -14.09 11.23
CA PHE C 146 14.08 -14.05 11.79
C PHE C 146 13.39 -15.36 11.42
N HIS C 147 13.52 -15.80 10.16
CA HIS C 147 12.97 -17.11 9.72
C HIS C 147 13.62 -18.23 10.53
N LYS C 148 14.94 -18.20 10.64
CA LYS C 148 15.70 -19.22 11.42
C LYS C 148 15.17 -19.31 12.86
N ALA C 149 15.01 -18.19 13.55
CA ALA C 149 14.53 -18.16 14.95
C ALA C 149 13.12 -18.77 15.02
N ILE C 150 12.23 -18.36 14.15
CA ILE C 150 10.81 -18.85 14.16
C ILE C 150 10.81 -20.36 13.85
N GLN C 151 11.51 -20.78 12.80
CA GLN C 151 11.49 -22.20 12.39
C GLN C 151 11.99 -23.09 13.55
N VAL C 152 13.12 -22.75 14.15
CA VAL C 152 13.71 -23.47 15.31
C VAL C 152 12.71 -23.48 16.47
N ALA C 153 12.20 -22.32 16.87
CA ALA C 153 11.26 -22.20 18.02
C ALA C 153 10.03 -23.10 17.75
N ARG C 154 9.49 -23.06 16.54
CA ARG C 154 8.25 -23.79 16.19
C ARG C 154 8.54 -25.30 16.17
N LYS C 155 9.67 -25.71 15.63
CA LYS C 155 10.08 -27.15 15.67
C LYS C 155 10.19 -27.64 17.12
N LYS C 156 10.54 -26.78 18.07
CA LYS C 156 10.70 -27.15 19.50
C LYS C 156 9.40 -26.86 20.26
N ASP C 157 8.34 -26.43 19.55
CA ASP C 157 7.07 -25.97 20.15
C ASP C 157 7.37 -25.10 21.37
N ALA C 158 8.13 -24.05 21.17
CA ALA C 158 8.68 -23.21 22.25
C ALA C 158 7.67 -22.16 22.69
N ILE C 159 6.66 -21.85 21.86
CA ILE C 159 5.82 -20.63 22.05
C ILE C 159 4.37 -21.04 22.38
N ASN C 160 3.87 -20.55 23.51
CA ASN C 160 2.49 -20.74 23.98
C ASN C 160 1.48 -20.23 22.95
N ASP C 161 0.31 -20.85 22.90
CA ASP C 161 -0.85 -20.36 22.12
C ASP C 161 -1.06 -18.88 22.46
N TRP C 162 -1.47 -18.07 21.48
CA TRP C 162 -1.74 -16.62 21.63
C TRP C 162 -0.44 -15.89 21.99
N GLY C 163 0.70 -16.48 21.68
CA GLY C 163 2.01 -15.82 21.82
C GLY C 163 2.22 -14.78 20.74
N SER C 164 3.34 -14.05 20.84
CA SER C 164 3.57 -12.83 20.03
C SER C 164 5.04 -12.72 19.67
N ILE C 165 5.28 -12.66 18.37
CA ILE C 165 6.65 -12.51 17.79
C ILE C 165 6.68 -11.16 17.06
N VAL C 166 7.66 -10.33 17.41
CA VAL C 166 7.90 -8.99 16.80
C VAL C 166 9.34 -8.91 16.26
N ALA C 167 9.48 -8.35 15.06
CA ALA C 167 10.78 -7.90 14.48
C ALA C 167 10.74 -6.39 14.20
N LEU C 168 11.87 -5.71 14.40
CA LEU C 168 11.99 -4.26 14.15
C LEU C 168 12.42 -4.03 12.70
N SER C 169 11.69 -3.17 12.00
CA SER C 169 11.94 -2.85 10.57
C SER C 169 11.96 -1.33 10.36
N TYR C 170 12.00 -0.90 9.11
CA TYR C 170 12.19 0.51 8.74
C TYR C 170 11.59 0.74 7.36
N ILE C 171 11.00 1.93 7.17
CA ILE C 171 10.15 2.30 6.02
C ILE C 171 10.95 2.27 4.70
N ALA C 172 12.29 2.26 4.72
CA ALA C 172 13.13 2.04 3.53
C ALA C 172 12.67 0.76 2.82
N ALA C 173 12.00 -0.16 3.53
CA ALA C 173 11.40 -1.39 2.97
C ALA C 173 10.35 -1.04 1.90
N GLN C 174 9.66 0.11 2.03
CA GLN C 174 8.57 0.52 1.10
C GLN C 174 9.00 1.71 0.23
N ARG C 175 9.72 2.70 0.77
CA ARG C 175 10.04 3.97 0.09
C ARG C 175 11.52 4.30 0.30
N THR C 176 12.22 4.59 -0.79
CA THR C 176 13.70 4.65 -0.82
C THR C 176 14.16 5.87 -0.03
N LEU C 177 15.12 5.67 0.86
CA LEU C 177 15.83 6.78 1.51
C LEU C 177 17.28 6.76 1.07
N TYR C 178 17.72 7.88 0.50
CA TYR C 178 19.13 8.15 0.13
C TYR C 178 20.07 7.54 1.18
N GLY C 179 20.94 6.66 0.75
CA GLY C 179 22.08 6.16 1.53
C GLY C 179 21.79 4.90 2.31
N TYR C 180 20.54 4.45 2.39
CA TYR C 180 20.17 3.38 3.36
C TYR C 180 20.72 2.03 2.88
N ASN C 181 20.97 1.89 1.57
CA ASN C 181 21.86 0.80 1.07
C ASN C 181 21.10 -0.54 1.15
N ASP C 182 21.82 -1.65 1.24
CA ASP C 182 21.25 -3.02 1.12
C ASP C 182 20.32 -3.32 2.29
N MET C 183 20.38 -2.52 3.38
CA MET C 183 19.50 -2.71 4.55
C MET C 183 18.03 -2.45 4.12
N ALA C 184 17.79 -1.59 3.12
CA ALA C 184 16.42 -1.31 2.65
C ALA C 184 15.80 -2.63 2.15
N ASP C 185 16.54 -3.34 1.34
CA ASP C 185 16.15 -4.61 0.68
C ASP C 185 15.96 -5.68 1.78
N ALA C 186 16.89 -5.75 2.73
CA ALA C 186 16.84 -6.69 3.87
C ALA C 186 15.54 -6.46 4.65
N LYS C 187 15.15 -5.23 4.85
CA LYS C 187 13.91 -4.93 5.61
C LYS C 187 12.68 -5.41 4.85
N ALA C 188 12.61 -5.22 3.53
CA ALA C 188 11.49 -5.72 2.72
C ALA C 188 11.37 -7.24 2.90
N LEU C 189 12.51 -7.94 2.85
CA LEU C 189 12.57 -9.41 3.02
C LEU C 189 12.09 -9.79 4.43
N LEU C 190 12.57 -9.10 5.46
CA LEU C 190 12.18 -9.32 6.86
C LEU C 190 10.66 -9.23 7.00
N GLU C 191 10.04 -8.19 6.44
CA GLU C 191 8.59 -7.93 6.60
C GLU C 191 7.78 -9.04 5.91
N SER C 192 8.28 -9.58 4.81
CA SER C 192 7.62 -10.68 4.09
C SER C 192 7.63 -11.95 4.95
N ILE C 193 8.74 -12.25 5.62
CA ILE C 193 8.88 -13.41 6.52
C ILE C 193 7.80 -13.32 7.60
N ALA C 194 7.53 -12.14 8.16
CA ALA C 194 6.50 -11.99 9.21
C ALA C 194 5.15 -12.47 8.65
N ARG C 195 4.84 -12.12 7.39
CA ARG C 195 3.56 -12.53 6.76
C ARG C 195 3.58 -14.04 6.52
N SER C 196 4.63 -14.53 5.87
CA SER C 196 4.73 -15.94 5.46
C SER C 196 4.55 -16.86 6.69
N PHE C 197 5.31 -16.59 7.75
CA PHE C 197 5.34 -17.43 8.97
C PHE C 197 4.15 -17.11 9.83
N GLY C 198 3.65 -15.87 9.76
CA GLY C 198 2.48 -15.45 10.52
C GLY C 198 1.24 -16.25 10.15
N TYR C 199 1.08 -16.57 8.87
CA TYR C 199 -0.07 -17.36 8.37
C TYR C 199 -0.05 -18.73 9.04
N ILE C 200 1.11 -19.37 9.04
CA ILE C 200 1.29 -20.75 9.58
C ILE C 200 1.09 -20.74 11.10
N TYR C 201 1.83 -19.90 11.83
CA TYR C 201 1.86 -19.95 13.32
C TYR C 201 0.51 -19.51 13.84
N GLY C 202 -0.16 -18.63 13.09
CA GLY C 202 -1.48 -18.10 13.48
C GLY C 202 -2.58 -19.14 13.37
N ARG C 203 -2.65 -19.87 12.26
CA ARG C 203 -3.75 -20.79 12.04
C ARG C 203 -3.60 -21.96 13.01
N GLU C 204 -2.37 -22.30 13.40
CA GLU C 204 -2.05 -23.48 14.25
C GLU C 204 -2.29 -23.18 15.74
N LYS C 205 -1.67 -22.10 16.25
CA LYS C 205 -1.49 -21.85 17.70
C LYS C 205 -1.91 -20.42 18.08
N HIS C 206 -2.51 -19.68 17.14
CA HIS C 206 -2.97 -18.29 17.35
C HIS C 206 -1.79 -17.42 17.81
N VAL C 207 -0.59 -17.73 17.37
CA VAL C 207 0.63 -16.91 17.62
C VAL C 207 0.66 -15.82 16.56
N ARG C 208 0.69 -14.58 16.99
CA ARG C 208 0.78 -13.42 16.06
C ARG C 208 2.24 -13.10 15.76
N ILE C 209 2.49 -12.69 14.52
CA ILE C 209 3.81 -12.23 14.03
C ILE C 209 3.61 -10.90 13.33
N ASN C 210 4.33 -9.87 13.80
CA ASN C 210 4.23 -8.48 13.28
C ASN C 210 5.64 -7.86 13.20
N THR C 211 5.81 -6.90 12.29
CA THR C 211 6.98 -5.99 12.27
C THR C 211 6.55 -4.63 12.81
N VAL C 212 7.43 -4.03 13.58
CA VAL C 212 7.32 -2.61 13.98
C VAL C 212 8.31 -1.81 13.14
N SER C 213 7.77 -0.88 12.35
CA SER C 213 8.54 -0.03 11.43
C SER C 213 8.82 1.30 12.15
N GLN C 214 10.00 1.39 12.75
CA GLN C 214 10.36 2.39 13.79
C GLN C 214 11.01 3.59 13.10
N SER C 215 10.90 4.77 13.70
CA SER C 215 11.65 6.00 13.33
C SER C 215 13.14 5.68 13.25
N PRO C 216 13.92 6.48 12.49
CA PRO C 216 15.36 6.44 12.62
C PRO C 216 15.72 6.87 14.06
N THR C 217 16.59 6.09 14.69
CA THR C 217 16.84 6.12 16.16
C THR C 217 18.34 6.13 16.39
N PRO C 218 18.84 6.95 17.35
CA PRO C 218 20.26 7.02 17.64
C PRO C 218 20.70 5.81 18.46
N THR C 219 21.12 4.78 17.77
CA THR C 219 21.62 3.52 18.37
C THR C 219 22.99 3.26 17.77
N THR C 220 23.67 2.21 18.19
CA THR C 220 24.94 1.79 17.52
C THR C 220 24.67 1.46 16.03
N ALA C 221 23.71 0.56 15.72
CA ALA C 221 23.36 0.20 14.33
C ALA C 221 22.95 1.47 13.58
N GLY C 222 22.13 2.31 14.20
CA GLY C 222 21.63 3.58 13.62
C GLY C 222 22.77 4.52 13.22
N SER C 223 23.81 4.63 14.05
CA SER C 223 24.96 5.54 13.86
C SER C 223 25.80 5.11 12.65
N GLY C 224 25.66 3.87 12.17
CA GLY C 224 26.32 3.34 10.95
C GLY C 224 25.64 3.80 9.66
N VAL C 225 24.41 4.35 9.72
CA VAL C 225 23.65 4.76 8.52
C VAL C 225 24.30 6.01 7.93
N LEU C 226 24.59 5.99 6.63
CA LEU C 226 25.12 7.19 5.91
C LEU C 226 24.32 8.42 6.35
N GLY C 227 25.00 9.44 6.91
CA GLY C 227 24.39 10.75 7.21
C GLY C 227 23.18 10.61 8.09
N MET C 228 23.26 9.71 9.07
CA MET C 228 22.13 9.39 9.99
C MET C 228 21.61 10.68 10.64
N GLY C 229 22.50 11.55 11.11
CA GLY C 229 22.05 12.82 11.73
C GLY C 229 21.10 13.57 10.81
N ASP C 230 21.47 13.72 9.54
CA ASP C 230 20.69 14.52 8.54
C ASP C 230 19.39 13.78 8.18
N LEU C 231 19.46 12.46 8.05
CA LEU C 231 18.28 11.60 7.78
C LEU C 231 17.29 11.72 8.94
N MET C 232 17.79 11.66 10.16
CA MET C 232 16.95 11.82 11.37
C MET C 232 16.26 13.20 11.36
N ASN C 233 16.95 14.27 10.96
CA ASN C 233 16.36 15.64 10.89
C ASN C 233 15.27 15.68 9.80
N PHE C 234 15.51 15.08 8.64
CA PHE C 234 14.51 14.99 7.55
C PHE C 234 13.23 14.31 8.09
N ALA C 235 13.37 13.18 8.80
CA ALA C 235 12.21 12.39 9.31
C ALA C 235 11.52 13.18 10.42
N GLU C 236 12.28 13.90 11.25
CA GLU C 236 11.71 14.70 12.35
C GLU C 236 10.79 15.76 11.74
N ASN C 237 11.23 16.40 10.69
CA ASN C 237 10.50 17.52 10.04
C ASN C 237 9.26 16.96 9.36
N MET C 238 9.35 15.76 8.81
CA MET C 238 8.22 15.14 8.09
C MET C 238 7.18 14.59 9.06
N SER C 239 7.57 14.18 10.28
CA SER C 239 6.67 13.53 11.28
C SER C 239 5.95 14.55 12.15
N PRO C 240 4.60 14.71 12.08
CA PRO C 240 3.91 15.71 12.88
C PRO C 240 4.10 15.56 14.41
N LEU C 241 4.31 14.33 14.91
CA LEU C 241 4.50 14.07 16.37
C LEU C 241 5.99 14.06 16.71
N GLY C 242 6.85 14.19 15.71
CA GLY C 242 8.30 14.02 15.89
C GLY C 242 8.71 12.55 15.79
N ASN C 243 10.01 12.30 15.69
CA ASN C 243 10.56 10.92 15.70
C ASN C 243 10.20 10.23 17.01
N ALA C 244 9.95 8.92 16.92
CA ALA C 244 9.76 8.03 18.06
C ALA C 244 11.14 7.66 18.61
N SER C 245 11.33 7.80 19.91
CA SER C 245 12.56 7.37 20.62
C SER C 245 12.55 5.84 20.76
N ALA C 246 13.68 5.27 21.17
CA ALA C 246 13.80 3.83 21.53
C ALA C 246 12.82 3.54 22.67
N ASN C 247 12.64 4.45 23.63
CA ASN C 247 11.74 4.22 24.77
C ASN C 247 10.29 4.20 24.27
N ASP C 248 9.94 5.10 23.37
CA ASP C 248 8.59 5.15 22.75
C ASP C 248 8.35 3.80 22.07
N CYS C 249 9.33 3.33 21.31
CA CYS C 249 9.24 2.06 20.56
C CYS C 249 8.97 0.90 21.53
N ALA C 250 9.68 0.87 22.65
CA ALA C 250 9.54 -0.17 23.69
C ALA C 250 8.11 -0.15 24.21
N ASP C 251 7.55 1.03 24.45
CA ASP C 251 6.13 1.16 24.89
C ASP C 251 5.17 0.54 23.88
N TYR C 252 5.34 0.82 22.59
CA TYR C 252 4.48 0.26 21.53
C TYR C 252 4.63 -1.27 21.48
N VAL C 253 5.85 -1.77 21.51
CA VAL C 253 6.13 -3.23 21.43
C VAL C 253 5.44 -3.93 22.61
N LEU C 254 5.42 -3.28 23.78
CA LEU C 254 4.70 -3.82 24.97
C LEU C 254 3.26 -4.19 24.57
N THR C 255 2.56 -3.30 23.86
CA THR C 255 1.14 -3.54 23.46
C THR C 255 1.04 -4.81 22.64
N LEU C 256 2.03 -5.09 21.77
CA LEU C 256 1.98 -6.25 20.84
C LEU C 256 2.24 -7.56 21.59
N PHE C 257 2.97 -7.51 22.70
CA PHE C 257 3.22 -8.66 23.60
C PHE C 257 2.04 -8.84 24.57
N SER C 258 1.26 -7.79 24.80
CA SER C 258 0.07 -7.80 25.70
C SER C 258 -1.10 -8.54 25.02
N ASP C 259 -2.08 -8.95 25.82
CA ASP C 259 -3.25 -9.73 25.32
C ASP C 259 -4.13 -8.79 24.50
N LEU C 260 -3.93 -7.48 24.62
CA LEU C 260 -4.83 -6.48 23.99
C LEU C 260 -4.70 -6.50 22.46
N THR C 261 -3.65 -7.08 21.90
CA THR C 261 -3.40 -7.11 20.43
C THR C 261 -3.49 -8.53 19.87
N ARG C 262 -4.22 -9.40 20.56
CA ARG C 262 -4.27 -10.84 20.17
C ARG C 262 -4.79 -11.05 18.74
N LYS C 263 -5.59 -10.14 18.17
CA LYS C 263 -6.13 -10.32 16.80
C LYS C 263 -5.34 -9.51 15.78
N VAL C 264 -4.18 -8.96 16.16
CA VAL C 264 -3.32 -8.21 15.20
C VAL C 264 -2.21 -9.13 14.73
N THR C 265 -2.16 -9.46 13.46
CA THR C 265 -1.07 -10.33 12.93
C THR C 265 -0.78 -10.03 11.46
N MET C 266 0.44 -10.38 11.06
CA MET C 266 0.96 -10.20 9.69
C MET C 266 0.96 -8.72 9.30
N GLN C 267 1.11 -7.81 10.29
CA GLN C 267 1.05 -6.35 10.05
C GLN C 267 2.48 -5.80 10.08
N ASN C 268 2.72 -4.79 9.27
CA ASN C 268 3.90 -3.91 9.37
C ASN C 268 3.43 -2.59 9.99
N LEU C 269 3.80 -2.33 11.23
CA LEU C 269 3.16 -1.29 12.07
C LEU C 269 4.08 -0.08 12.19
N TYR C 270 3.74 1.00 11.49
CA TYR C 270 4.54 2.23 11.48
C TYR C 270 4.46 2.86 12.85
N HIS C 271 5.61 3.05 13.48
CA HIS C 271 5.74 3.70 14.81
C HIS C 271 6.75 4.85 14.65
N ASP C 272 6.27 6.01 14.19
CA ASP C 272 7.16 6.96 13.45
C ASP C 272 6.63 8.39 13.53
N GLY C 273 5.72 8.66 14.46
CA GLY C 273 5.09 9.99 14.63
C GLY C 273 4.37 10.46 13.37
N GLY C 274 4.02 9.55 12.43
CA GLY C 274 3.22 9.88 11.24
C GLY C 274 4.03 9.94 9.94
N PHE C 275 5.35 9.72 10.00
CA PHE C 275 6.24 9.80 8.81
C PHE C 275 5.65 9.03 7.62
N ALA C 276 5.28 7.76 7.81
CA ALA C 276 4.80 6.83 6.73
C ALA C 276 3.60 7.42 5.97
N SER C 277 2.76 8.18 6.66
CA SER C 277 1.52 8.75 6.05
C SER C 277 1.73 10.16 5.52
N MET C 278 2.94 10.75 5.62
CA MET C 278 3.17 12.15 5.16
C MET C 278 3.70 12.13 3.73
N GLY C 279 3.17 12.99 2.87
CA GLY C 279 3.73 13.25 1.53
C GLY C 279 4.66 14.45 1.56
N MET C 280 4.24 15.54 2.20
CA MET C 280 5.04 16.78 2.33
C MET C 280 4.54 17.58 3.53
N SER C 281 5.37 17.70 4.54
CA SER C 281 5.15 18.64 5.67
C SER C 281 5.63 20.04 5.30
N ARG C 282 5.04 21.04 5.94
CA ARG C 282 5.50 22.44 5.87
C ARG C 282 6.99 22.46 6.21
N ARG C 283 7.41 21.80 7.29
CA ARG C 283 8.79 21.91 7.84
C ARG C 283 9.81 21.31 6.86
N ALA C 284 9.38 20.36 5.99
CA ALA C 284 10.24 19.66 5.02
C ALA C 284 10.63 20.58 3.84
N MET C 285 9.90 21.68 3.65
CA MET C 285 10.02 22.50 2.43
C MET C 285 11.24 23.43 2.56
N LYS C 286 12.05 23.52 1.51
CA LYS C 286 13.25 24.40 1.44
C LYS C 286 12.87 25.83 1.83
N THR C 287 11.67 26.29 1.44
CA THR C 287 11.18 27.69 1.60
C THR C 287 10.78 27.97 3.05
N TYR C 288 10.66 26.93 3.90
CA TYR C 288 10.20 27.08 5.31
C TYR C 288 11.36 27.54 6.20
N GLU C 289 11.09 28.49 7.09
CA GLU C 289 11.96 28.87 8.23
C GLU C 289 11.12 28.89 9.49
N LYS C 290 11.68 28.39 10.60
CA LYS C 290 11.02 28.37 11.93
C LYS C 290 10.44 29.76 12.22
N GLY C 291 9.14 29.84 12.51
CA GLY C 291 8.45 31.11 12.83
C GLY C 291 7.52 31.55 11.72
N MET C 292 7.68 31.01 10.52
CA MET C 292 6.75 31.31 9.39
C MET C 292 5.35 30.81 9.74
N ARG C 293 4.35 31.60 9.34
CA ARG C 293 2.91 31.35 9.59
C ARG C 293 2.50 30.16 8.72
N PHE C 294 1.79 29.19 9.30
CA PHE C 294 1.16 28.07 8.56
C PHE C 294 -0.13 28.59 7.95
N GLU C 295 -0.26 28.47 6.63
CA GLU C 295 -1.38 29.07 5.87
C GLU C 295 -2.42 28.00 5.54
N ASP C 296 -2.25 26.76 6.02
CA ASP C 296 -3.18 25.64 5.72
C ASP C 296 -4.26 25.55 6.81
N VAL C 297 -4.21 26.41 7.84
CA VAL C 297 -5.19 26.44 8.96
C VAL C 297 -5.63 27.88 9.28
N HIS C 298 -6.79 27.99 9.93
CA HIS C 298 -7.47 29.24 10.35
C HIS C 298 -7.00 29.63 11.76
N GLN C 299 -6.64 28.65 12.59
CA GLN C 299 -6.17 28.89 13.98
C GLN C 299 -4.94 28.02 14.23
N ASN C 300 -4.15 28.41 15.23
CA ASN C 300 -2.88 27.78 15.65
C ASN C 300 -1.95 27.79 14.43
N GLN C 301 -1.74 28.98 13.86
CA GLN C 301 -0.94 29.18 12.62
C GLN C 301 0.55 29.21 12.96
N TYR C 302 0.91 29.16 14.24
CA TYR C 302 2.32 29.09 14.70
C TYR C 302 2.48 27.90 15.64
N PRO C 303 2.28 26.66 15.13
CA PRO C 303 2.35 25.47 15.99
C PRO C 303 3.74 25.27 16.66
N PHE C 304 4.81 25.80 16.06
CA PHE C 304 6.21 25.69 16.56
C PHE C 304 6.72 27.05 17.06
N GLY C 305 5.84 27.86 17.68
CA GLY C 305 6.16 29.19 18.25
C GLY C 305 6.33 30.27 17.18
N TYR D 23 1.93 -1.86 -34.29
CA TYR D 23 2.08 -0.46 -33.78
C TYR D 23 3.48 0.13 -34.04
N ASN D 24 4.51 -0.69 -34.25
CA ASN D 24 5.90 -0.22 -34.35
C ASN D 24 6.27 0.52 -33.05
N LEU D 25 5.77 0.04 -31.92
CA LEU D 25 5.94 0.71 -30.61
C LEU D 25 7.42 0.76 -30.21
N LEU D 26 8.26 -0.18 -30.65
CA LEU D 26 9.67 -0.24 -30.19
C LEU D 26 10.64 -0.06 -31.36
N LYS D 27 10.21 0.65 -32.41
CA LYS D 27 11.06 0.90 -33.60
C LYS D 27 12.33 1.61 -33.14
N GLY D 28 13.49 1.13 -33.57
CA GLY D 28 14.80 1.70 -33.25
C GLY D 28 15.37 1.24 -31.91
N LYS D 29 14.61 0.50 -31.10
CA LYS D 29 15.01 0.16 -29.71
C LYS D 29 15.76 -1.19 -29.71
N LYS D 30 16.66 -1.33 -28.76
CA LYS D 30 17.50 -2.53 -28.58
C LYS D 30 17.36 -2.99 -27.13
N GLY D 31 17.31 -4.29 -26.90
CA GLY D 31 17.05 -4.80 -25.55
C GLY D 31 17.67 -6.15 -25.33
N LEU D 32 17.84 -6.48 -24.05
CA LEU D 32 18.39 -7.75 -23.55
C LEU D 32 17.28 -8.47 -22.77
N ILE D 33 16.92 -9.69 -23.19
CA ILE D 33 15.83 -10.48 -22.58
C ILE D 33 16.40 -11.75 -21.95
N PHE D 34 16.28 -11.84 -20.62
CA PHE D 34 16.61 -13.04 -19.81
C PHE D 34 15.40 -13.98 -19.78
N GLY D 35 15.62 -15.30 -19.65
CA GLY D 35 14.63 -16.21 -19.05
C GLY D 35 13.68 -16.84 -20.04
N ALA D 36 13.93 -16.76 -21.35
CA ALA D 36 13.12 -17.46 -22.37
C ALA D 36 13.55 -18.93 -22.38
N LEU D 37 12.74 -19.82 -21.79
CA LEU D 37 13.05 -21.26 -21.69
C LEU D 37 12.40 -22.00 -22.86
N ASN D 38 11.11 -21.78 -23.08
CA ASN D 38 10.26 -22.56 -24.02
C ASN D 38 9.09 -21.64 -24.40
N GLU D 39 8.20 -22.08 -25.26
CA GLU D 39 7.19 -21.18 -25.87
C GLU D 39 6.18 -20.75 -24.80
N GLN D 40 6.17 -21.38 -23.64
CA GLN D 40 5.27 -21.02 -22.51
C GLN D 40 5.86 -19.82 -21.71
N SER D 41 7.17 -19.59 -21.78
CA SER D 41 7.89 -18.58 -20.96
C SER D 41 7.33 -17.18 -21.21
N ILE D 42 7.08 -16.44 -20.16
CA ILE D 42 6.67 -15.03 -20.30
C ILE D 42 7.73 -14.30 -21.15
N ALA D 43 9.02 -14.58 -20.93
CA ALA D 43 10.13 -13.90 -21.65
C ALA D 43 10.06 -14.25 -23.14
N TRP D 44 9.64 -15.48 -23.47
CA TRP D 44 9.51 -15.90 -24.87
C TRP D 44 8.49 -14.98 -25.54
N LYS D 45 7.33 -14.80 -24.90
CA LYS D 45 6.24 -13.95 -25.49
C LYS D 45 6.76 -12.51 -25.61
N VAL D 46 7.45 -12.00 -24.59
CA VAL D 46 7.99 -10.61 -24.58
C VAL D 46 8.97 -10.48 -25.75
N ALA D 47 9.82 -11.49 -25.98
CA ALA D 47 10.79 -11.52 -27.10
C ALA D 47 10.05 -11.42 -28.44
N GLU D 48 9.13 -12.33 -28.71
CA GLU D 48 8.32 -12.36 -29.96
C GLU D 48 7.70 -10.99 -30.19
N ARG D 49 7.05 -10.45 -29.18
CA ARG D 49 6.23 -9.23 -29.30
C ARG D 49 7.17 -8.04 -29.50
N ALA D 50 8.31 -8.04 -28.81
CA ALA D 50 9.29 -6.93 -28.87
C ALA D 50 9.80 -6.81 -30.31
N VAL D 51 10.12 -7.93 -30.93
CA VAL D 51 10.62 -7.98 -32.33
C VAL D 51 9.48 -7.60 -33.29
N GLU D 52 8.27 -8.07 -33.05
CA GLU D 52 7.08 -7.69 -33.85
C GLU D 52 6.95 -6.17 -33.83
N GLU D 53 7.32 -5.52 -32.73
CA GLU D 53 7.09 -4.07 -32.51
C GLU D 53 8.34 -3.29 -32.95
N GLY D 54 9.29 -3.94 -33.59
CA GLY D 54 10.41 -3.28 -34.28
C GLY D 54 11.68 -3.27 -33.45
N ALA D 55 11.71 -3.90 -32.28
CA ALA D 55 12.95 -3.92 -31.45
C ALA D 55 13.96 -4.89 -32.04
N GLU D 56 15.24 -4.64 -31.81
CA GLU D 56 16.30 -5.68 -31.93
C GLU D 56 16.60 -6.22 -30.53
N ILE D 57 16.70 -7.54 -30.38
CA ILE D 57 16.97 -8.14 -29.05
C ILE D 57 18.24 -9.00 -29.08
N VAL D 58 18.75 -9.25 -27.88
CA VAL D 58 19.70 -10.32 -27.57
C VAL D 58 19.03 -11.20 -26.52
N LEU D 59 19.14 -12.52 -26.68
CA LEU D 59 18.59 -13.52 -25.73
C LEU D 59 19.71 -14.12 -24.88
N THR D 60 19.38 -14.46 -23.65
CA THR D 60 20.26 -15.17 -22.71
C THR D 60 19.44 -16.16 -21.87
N ASN D 61 20.08 -17.28 -21.54
CA ASN D 61 19.59 -18.22 -20.52
C ASN D 61 20.83 -18.96 -20.01
N THR D 62 20.65 -19.80 -19.01
CA THR D 62 21.72 -20.68 -18.51
C THR D 62 22.07 -21.69 -19.61
N ALA D 63 23.30 -22.22 -19.57
CA ALA D 63 23.76 -23.27 -20.49
C ALA D 63 22.80 -24.45 -20.41
N VAL D 64 22.40 -24.86 -19.19
CA VAL D 64 21.49 -26.02 -19.02
C VAL D 64 20.14 -25.71 -19.67
N SER D 65 19.58 -24.52 -19.46
CA SER D 65 18.24 -24.17 -20.01
C SER D 65 18.31 -24.08 -21.55
N ILE D 66 19.44 -23.63 -22.09
CA ILE D 66 19.62 -23.57 -23.57
C ILE D 66 19.53 -25.00 -24.12
N ARG D 67 20.22 -25.94 -23.47
CA ARG D 67 20.28 -27.36 -23.90
C ARG D 67 18.92 -28.03 -23.73
N MET D 68 18.20 -27.70 -22.65
CA MET D 68 17.00 -28.46 -22.24
C MET D 68 15.73 -27.83 -22.83
N GLY D 69 15.78 -26.56 -23.22
CA GLY D 69 14.60 -25.83 -23.73
C GLY D 69 14.67 -25.60 -25.22
N THR D 70 13.92 -24.61 -25.74
CA THR D 70 13.82 -24.36 -27.20
C THR D 70 14.21 -22.92 -27.55
N ILE D 71 15.00 -22.23 -26.72
CA ILE D 71 15.39 -20.82 -26.96
C ILE D 71 16.08 -20.69 -28.34
N GLY D 72 16.81 -21.72 -28.79
CA GLY D 72 17.40 -21.76 -30.14
C GLY D 72 16.40 -21.40 -31.22
N ARG D 73 15.18 -21.92 -31.15
CA ARG D 73 14.13 -21.67 -32.17
C ARG D 73 13.67 -20.21 -32.05
N LEU D 74 13.55 -19.69 -30.82
CA LEU D 74 13.13 -18.29 -30.61
C LEU D 74 14.19 -17.38 -31.21
N ALA D 75 15.47 -17.67 -31.00
CA ALA D 75 16.61 -16.83 -31.47
C ALA D 75 16.58 -16.81 -33.01
N GLU D 76 16.26 -17.93 -33.64
CA GLU D 76 16.10 -18.03 -35.11
C GLU D 76 14.97 -17.08 -35.55
N LYS D 77 13.79 -17.18 -34.92
CA LYS D 77 12.59 -16.36 -35.24
C LYS D 77 12.90 -14.87 -35.04
N CYS D 78 13.65 -14.53 -33.99
CA CYS D 78 13.99 -13.14 -33.62
C CYS D 78 15.26 -12.65 -34.31
N ASN D 79 15.87 -13.51 -35.13
CA ASN D 79 17.09 -13.21 -35.92
C ASN D 79 18.20 -12.69 -35.00
N THR D 80 18.57 -13.43 -33.97
CA THR D 80 19.57 -12.92 -33.01
C THR D 80 20.37 -14.07 -32.43
N ILE D 81 21.22 -13.74 -31.46
CA ILE D 81 22.13 -14.67 -30.76
C ILE D 81 21.55 -15.04 -29.39
N VAL D 82 21.97 -16.18 -28.87
CA VAL D 82 21.75 -16.61 -27.48
C VAL D 82 23.09 -16.60 -26.76
N VAL D 83 23.24 -15.78 -25.73
CA VAL D 83 24.47 -15.75 -24.89
C VAL D 83 24.19 -16.51 -23.61
N PRO D 84 24.92 -17.63 -23.36
CA PRO D 84 24.81 -18.36 -22.11
C PRO D 84 25.27 -17.52 -20.92
N ALA D 85 24.50 -17.52 -19.84
CA ALA D 85 24.83 -16.80 -18.61
C ALA D 85 24.01 -17.33 -17.44
N ASP D 86 24.70 -17.56 -16.32
CA ASP D 86 24.05 -17.72 -15.01
C ASP D 86 23.94 -16.31 -14.42
N ALA D 87 22.73 -15.80 -14.18
CA ALA D 87 22.52 -14.41 -13.73
C ALA D 87 22.94 -14.22 -12.27
N THR D 88 23.34 -15.29 -11.58
CA THR D 88 23.92 -15.23 -10.21
C THR D 88 25.43 -15.05 -10.30
N SER D 89 26.00 -15.17 -11.49
CA SER D 89 27.47 -15.02 -11.71
C SER D 89 27.79 -13.64 -12.27
N VAL D 90 28.46 -12.80 -11.50
CA VAL D 90 28.88 -11.45 -11.95
C VAL D 90 29.77 -11.59 -13.19
N GLU D 91 30.65 -12.58 -13.19
CA GLU D 91 31.57 -12.82 -14.34
C GLU D 91 30.72 -13.15 -15.59
N ASP D 92 29.68 -13.98 -15.46
CA ASP D 92 28.84 -14.36 -16.63
C ASP D 92 28.10 -13.12 -17.10
N LEU D 93 27.63 -12.30 -16.16
CA LEU D 93 26.89 -11.07 -16.51
C LEU D 93 27.81 -10.07 -17.23
N GLU D 94 29.07 -9.96 -16.81
CA GLU D 94 30.07 -9.08 -17.44
C GLU D 94 30.26 -9.52 -18.90
N ASN D 95 30.38 -10.83 -19.13
CA ASN D 95 30.56 -11.40 -20.47
C ASN D 95 29.28 -11.13 -21.27
N LEU D 96 28.11 -11.36 -20.67
CA LEU D 96 26.81 -11.15 -21.35
C LEU D 96 26.69 -9.71 -21.83
N ILE D 97 26.99 -8.73 -20.98
CA ILE D 97 26.85 -7.29 -21.32
C ILE D 97 27.84 -6.93 -22.45
N ASP D 98 29.07 -7.43 -22.38
CA ASP D 98 30.10 -7.24 -23.44
C ASP D 98 29.56 -7.79 -24.75
N LYS D 99 29.03 -9.01 -24.74
CA LYS D 99 28.56 -9.71 -25.96
C LYS D 99 27.34 -8.97 -26.52
N THR D 100 26.48 -8.48 -25.63
CA THR D 100 25.24 -7.76 -26.01
C THR D 100 25.62 -6.44 -26.69
N MET D 101 26.52 -5.67 -26.07
CA MET D 101 26.95 -4.36 -26.61
C MET D 101 27.72 -4.56 -27.92
N GLU D 102 28.50 -5.64 -28.02
CA GLU D 102 29.22 -5.99 -29.26
C GLU D 102 28.19 -6.25 -30.36
N HIS D 103 27.18 -7.04 -30.06
CA HIS D 103 26.11 -7.40 -31.03
C HIS D 103 25.39 -6.13 -31.51
N PHE D 104 25.16 -5.16 -30.62
CA PHE D 104 24.36 -3.96 -30.96
C PHE D 104 25.24 -2.83 -31.50
N GLY D 105 26.56 -2.95 -31.38
CA GLY D 105 27.53 -1.89 -31.68
C GLY D 105 27.46 -0.75 -30.69
N GLY D 106 27.09 -1.02 -29.43
CA GLY D 106 27.03 0.01 -28.39
C GLY D 106 25.90 -0.26 -27.42
N LYS D 107 25.34 0.79 -26.86
CA LYS D 107 24.39 0.70 -25.73
C LYS D 107 23.04 0.20 -26.23
N PHE D 108 22.19 -0.21 -25.30
CA PHE D 108 20.81 -0.67 -25.61
C PHE D 108 19.86 0.06 -24.66
N ASP D 109 18.57 -0.17 -24.87
CA ASP D 109 17.48 0.64 -24.30
C ASP D 109 16.75 -0.12 -23.18
N PHE D 110 16.55 -1.42 -23.30
CA PHE D 110 15.66 -2.12 -22.33
C PHE D 110 16.26 -3.47 -21.95
N MET D 111 15.85 -3.92 -20.77
CA MET D 111 16.34 -5.17 -20.18
C MET D 111 15.20 -5.82 -19.40
N LEU D 112 14.86 -7.06 -19.75
CA LEU D 112 13.83 -7.87 -19.03
C LEU D 112 14.51 -8.94 -18.16
N HIS D 113 14.37 -8.79 -16.84
CA HIS D 113 14.62 -9.86 -15.85
C HIS D 113 13.38 -10.72 -15.74
N SER D 114 13.48 -11.97 -16.17
CA SER D 114 12.36 -12.94 -16.18
C SER D 114 12.89 -14.27 -15.67
N ILE D 115 13.32 -14.29 -14.42
CA ILE D 115 14.13 -15.38 -13.78
C ILE D 115 13.59 -15.63 -12.38
N GLY D 116 13.27 -16.88 -12.09
CA GLY D 116 12.79 -17.31 -10.77
C GLY D 116 13.06 -18.78 -10.60
N MET D 117 13.62 -19.16 -9.45
CA MET D 117 13.79 -20.57 -9.06
C MET D 117 14.00 -20.68 -7.55
N SER D 118 13.35 -21.65 -6.92
CA SER D 118 13.58 -22.02 -5.51
C SER D 118 13.92 -23.50 -5.45
N PRO D 119 15.13 -23.86 -5.00
CA PRO D 119 15.43 -25.26 -4.72
C PRO D 119 14.55 -25.85 -3.62
N ASN D 120 14.08 -25.01 -2.70
CA ASN D 120 13.13 -25.43 -1.64
C ASN D 120 11.82 -25.89 -2.29
N VAL D 121 11.23 -25.09 -3.17
CA VAL D 121 9.98 -25.46 -3.90
C VAL D 121 10.25 -26.71 -4.74
N ARG D 122 11.32 -26.72 -5.52
CA ARG D 122 11.54 -27.81 -6.51
C ARG D 122 11.66 -29.13 -5.75
N LYS D 123 12.37 -29.14 -4.63
CA LYS D 123 12.72 -30.35 -3.87
C LYS D 123 11.68 -30.62 -2.77
N GLY D 124 10.57 -29.86 -2.73
CA GLY D 124 9.43 -30.13 -1.82
C GLY D 124 9.76 -29.85 -0.37
N ARG D 125 10.70 -28.96 -0.08
CA ARG D 125 10.92 -28.43 1.28
C ARG D 125 9.82 -27.40 1.55
N THR D 126 9.17 -27.50 2.70
CA THR D 126 8.05 -26.59 3.07
C THR D 126 8.61 -25.40 3.84
N TYR D 127 7.84 -24.32 3.95
CA TYR D 127 8.34 -23.02 4.45
C TYR D 127 8.78 -23.12 5.91
N ASP D 128 8.18 -24.04 6.67
CA ASP D 128 8.46 -24.27 8.11
C ASP D 128 9.62 -25.25 8.27
N ASP D 129 10.21 -25.70 7.16
CA ASP D 129 11.30 -26.72 7.13
C ASP D 129 12.31 -26.36 6.03
N LEU D 130 12.62 -25.08 5.86
CA LEU D 130 13.52 -24.65 4.76
C LEU D 130 14.90 -25.25 4.99
N ASP D 131 15.58 -25.60 3.90
CA ASP D 131 17.08 -25.68 3.86
C ASP D 131 17.60 -24.27 3.56
N TYR D 132 18.51 -23.76 4.38
CA TYR D 132 18.97 -22.34 4.33
C TYR D 132 20.01 -22.13 3.23
N ASP D 133 20.73 -23.17 2.81
CA ASP D 133 21.55 -23.17 1.56
C ASP D 133 20.62 -23.03 0.34
N TYR D 134 19.54 -23.81 0.30
CA TYR D 134 18.51 -23.71 -0.73
C TYR D 134 17.98 -22.27 -0.75
N LEU D 135 17.73 -21.71 0.42
CA LEU D 135 17.08 -20.38 0.53
C LEU D 135 18.04 -19.33 -0.06
N SER D 136 19.32 -19.43 0.28
CA SER D 136 20.36 -18.54 -0.27
C SER D 136 20.27 -18.57 -1.80
N LYS D 137 20.11 -19.76 -2.40
CA LYS D 137 20.01 -19.90 -3.86
C LYS D 137 18.69 -19.30 -4.37
N THR D 138 17.58 -19.55 -3.70
CA THR D 138 16.28 -18.93 -4.06
C THR D 138 16.46 -17.41 -4.17
N LEU D 139 17.03 -16.78 -3.16
CA LEU D 139 17.13 -15.31 -3.07
C LEU D 139 18.14 -14.83 -4.13
N ASP D 140 19.18 -15.63 -4.37
CA ASP D 140 20.24 -15.25 -5.34
C ASP D 140 19.63 -15.30 -6.73
N ILE D 141 19.02 -16.41 -7.12
CA ILE D 141 18.49 -16.62 -8.49
C ILE D 141 17.32 -15.66 -8.73
N SER D 142 16.43 -15.53 -7.74
CA SER D 142 15.08 -14.95 -7.93
C SER D 142 15.12 -13.43 -7.68
N ALA D 143 16.13 -12.92 -6.97
CA ALA D 143 16.14 -11.50 -6.58
C ALA D 143 17.50 -10.85 -6.79
N ILE D 144 18.56 -11.39 -6.17
CA ILE D 144 19.88 -10.73 -6.15
C ILE D 144 20.39 -10.66 -7.60
N SER D 145 20.09 -11.65 -8.43
CA SER D 145 20.42 -11.64 -9.89
C SER D 145 19.97 -10.35 -10.57
N PHE D 146 18.84 -9.78 -10.13
CA PHE D 146 18.37 -8.47 -10.65
C PHE D 146 19.38 -7.37 -10.28
N HIS D 147 19.82 -7.30 -9.02
CA HIS D 147 20.80 -6.30 -8.56
C HIS D 147 22.11 -6.50 -9.34
N LYS D 148 22.56 -7.74 -9.43
CA LYS D 148 23.80 -8.07 -10.15
C LYS D 148 23.71 -7.57 -11.61
N ALA D 149 22.60 -7.84 -12.30
CA ALA D 149 22.43 -7.48 -13.72
C ALA D 149 22.52 -5.95 -13.84
N ILE D 150 21.80 -5.23 -13.00
CA ILE D 150 21.75 -3.75 -13.07
C ILE D 150 23.13 -3.18 -12.72
N GLN D 151 23.76 -3.69 -11.66
CA GLN D 151 25.08 -3.19 -11.21
C GLN D 151 26.09 -3.39 -12.36
N VAL D 152 26.11 -4.56 -12.97
CA VAL D 152 27.10 -4.87 -14.05
C VAL D 152 26.80 -3.99 -15.28
N ALA D 153 25.54 -3.88 -15.66
CA ALA D 153 25.12 -3.03 -16.80
C ALA D 153 25.58 -1.59 -16.55
N ARG D 154 25.30 -1.06 -15.37
CA ARG D 154 25.56 0.35 -15.05
C ARG D 154 27.08 0.60 -14.98
N LYS D 155 27.84 -0.32 -14.43
CA LYS D 155 29.32 -0.21 -14.40
C LYS D 155 29.87 -0.09 -15.83
N LYS D 156 29.25 -0.72 -16.81
CA LYS D 156 29.73 -0.77 -18.22
C LYS D 156 29.02 0.30 -19.06
N ASP D 157 28.19 1.12 -18.40
CA ASP D 157 27.31 2.15 -19.02
C ASP D 157 26.62 1.54 -20.25
N ALA D 158 25.87 0.47 -20.05
CA ALA D 158 25.33 -0.37 -21.14
C ALA D 158 23.99 0.19 -21.65
N ILE D 159 23.34 1.04 -20.87
CA ILE D 159 21.92 1.38 -21.12
C ILE D 159 21.79 2.88 -21.45
N ASN D 160 21.10 3.15 -22.57
CA ASN D 160 20.82 4.54 -23.07
C ASN D 160 19.97 5.28 -22.05
N ASP D 161 20.15 6.59 -22.01
CA ASP D 161 19.26 7.53 -21.28
C ASP D 161 17.79 7.18 -21.65
N TRP D 162 16.87 7.33 -20.68
CA TRP D 162 15.41 7.07 -20.86
C TRP D 162 15.17 5.59 -21.18
N GLY D 163 16.13 4.73 -20.85
CA GLY D 163 15.98 3.27 -20.96
C GLY D 163 15.03 2.73 -19.89
N SER D 164 14.74 1.44 -19.98
CA SER D 164 13.65 0.77 -19.23
C SER D 164 14.10 -0.62 -18.79
N ILE D 165 14.07 -0.87 -17.50
CA ILE D 165 14.40 -2.19 -16.90
C ILE D 165 13.14 -2.70 -16.18
N VAL D 166 12.73 -3.93 -16.48
CA VAL D 166 11.52 -4.61 -15.92
C VAL D 166 11.95 -5.94 -15.30
N ALA D 167 11.51 -6.25 -14.07
CA ALA D 167 11.55 -7.63 -13.53
C ALA D 167 10.12 -8.13 -13.31
N LEU D 168 9.90 -9.42 -13.43
CA LEU D 168 8.56 -10.02 -13.21
C LEU D 168 8.44 -10.49 -11.78
N SER D 169 7.35 -10.12 -11.13
CA SER D 169 7.12 -10.44 -9.70
C SER D 169 5.72 -10.99 -9.52
N TYR D 170 5.31 -11.20 -8.26
CA TYR D 170 4.06 -11.90 -7.90
C TYR D 170 3.56 -11.34 -6.56
N ILE D 171 2.24 -11.21 -6.45
CA ILE D 171 1.49 -10.58 -5.31
C ILE D 171 1.82 -11.25 -3.96
N ALA D 172 2.27 -12.50 -3.93
CA ALA D 172 2.71 -13.16 -2.67
C ALA D 172 3.69 -12.22 -1.93
N ALA D 173 4.35 -11.33 -2.65
CA ALA D 173 5.32 -10.35 -2.09
C ALA D 173 4.63 -9.44 -1.08
N GLN D 174 3.32 -9.22 -1.24
CA GLN D 174 2.51 -8.35 -0.37
C GLN D 174 1.54 -9.18 0.47
N ARG D 175 0.86 -10.18 -0.13
CA ARG D 175 -0.27 -10.93 0.52
C ARG D 175 -0.02 -12.43 0.40
N THR D 176 -0.02 -13.14 1.53
CA THR D 176 0.42 -14.54 1.65
C THR D 176 -0.56 -15.46 0.87
N LEU D 177 -0.02 -16.31 0.01
CA LEU D 177 -0.78 -17.39 -0.65
C LEU D 177 -0.24 -18.73 -0.16
N TYR D 178 -1.12 -19.54 0.42
CA TYR D 178 -0.91 -20.95 0.78
C TYR D 178 0.03 -21.60 -0.23
N GLY D 179 1.20 -22.03 0.24
CA GLY D 179 2.07 -22.94 -0.52
C GLY D 179 3.19 -22.23 -1.21
N TYR D 180 3.15 -20.89 -1.32
CA TYR D 180 4.01 -20.18 -2.28
C TYR D 180 5.45 -20.22 -1.76
N ASN D 181 5.66 -20.37 -0.44
CA ASN D 181 6.95 -20.82 0.10
C ASN D 181 7.94 -19.64 0.00
N ASP D 182 9.23 -19.95 -0.09
CA ASP D 182 10.30 -18.93 0.05
C ASP D 182 10.27 -17.95 -1.15
N MET D 183 9.62 -18.33 -2.26
CA MET D 183 9.47 -17.45 -3.46
C MET D 183 8.69 -16.18 -3.08
N ALA D 184 7.79 -16.21 -2.10
CA ALA D 184 7.03 -15.00 -1.70
C ALA D 184 8.04 -13.96 -1.19
N ASP D 185 8.93 -14.39 -0.30
CA ASP D 185 9.93 -13.51 0.36
C ASP D 185 10.91 -13.00 -0.72
N ALA D 186 11.33 -13.87 -1.65
CA ALA D 186 12.23 -13.51 -2.75
C ALA D 186 11.59 -12.39 -3.59
N LYS D 187 10.29 -12.44 -3.83
CA LYS D 187 9.62 -11.43 -4.65
C LYS D 187 9.60 -10.10 -3.91
N ALA D 188 9.40 -10.10 -2.59
CA ALA D 188 9.43 -8.87 -1.79
C ALA D 188 10.81 -8.22 -1.96
N LEU D 189 11.85 -9.03 -1.89
CA LEU D 189 13.25 -8.58 -2.02
C LEU D 189 13.46 -8.01 -3.43
N LEU D 190 13.03 -8.73 -4.46
CA LEU D 190 13.15 -8.31 -5.89
C LEU D 190 12.50 -6.95 -6.09
N GLU D 191 11.31 -6.75 -5.55
CA GLU D 191 10.57 -5.48 -5.74
C GLU D 191 11.32 -4.30 -5.09
N SER D 192 11.94 -4.53 -3.94
CA SER D 192 12.69 -3.49 -3.21
C SER D 192 13.92 -3.10 -4.03
N ILE D 193 14.57 -4.07 -4.66
CA ILE D 193 15.78 -3.78 -5.52
C ILE D 193 15.37 -2.85 -6.67
N ALA D 194 14.15 -2.99 -7.21
CA ALA D 194 13.66 -2.12 -8.30
C ALA D 194 13.56 -0.68 -7.78
N ARG D 195 13.09 -0.51 -6.56
CA ARG D 195 13.03 0.85 -5.93
C ARG D 195 14.44 1.36 -5.68
N SER D 196 15.26 0.60 -4.96
CA SER D 196 16.61 1.03 -4.52
C SER D 196 17.43 1.47 -5.74
N PHE D 197 17.51 0.64 -6.77
CA PHE D 197 18.35 0.93 -7.95
C PHE D 197 17.64 1.94 -8.85
N GLY D 198 16.31 1.90 -8.89
CA GLY D 198 15.54 2.86 -9.70
C GLY D 198 15.85 4.29 -9.30
N TYR D 199 16.01 4.57 -8.01
CA TYR D 199 16.34 5.93 -7.51
C TYR D 199 17.67 6.39 -8.14
N ILE D 200 18.65 5.50 -8.12
CA ILE D 200 20.02 5.82 -8.64
C ILE D 200 19.95 6.00 -10.16
N TYR D 201 19.46 5.00 -10.89
CA TYR D 201 19.56 5.01 -12.37
C TYR D 201 18.66 6.12 -12.93
N GLY D 202 17.57 6.45 -12.25
CA GLY D 202 16.63 7.52 -12.69
C GLY D 202 17.25 8.88 -12.63
N ARG D 203 17.85 9.23 -11.49
CA ARG D 203 18.34 10.60 -11.26
C ARG D 203 19.53 10.85 -12.21
N GLU D 204 20.24 9.80 -12.61
CA GLU D 204 21.50 9.88 -13.37
C GLU D 204 21.24 9.94 -14.86
N LYS D 205 20.45 8.99 -15.37
CA LYS D 205 20.34 8.72 -16.81
C LYS D 205 18.86 8.61 -17.20
N HIS D 206 17.95 8.95 -16.30
CA HIS D 206 16.49 8.88 -16.55
C HIS D 206 16.11 7.46 -17.00
N VAL D 207 16.83 6.45 -16.48
CA VAL D 207 16.50 5.02 -16.74
C VAL D 207 15.42 4.61 -15.72
N ARG D 208 14.28 4.12 -16.20
CA ARG D 208 13.16 3.66 -15.32
C ARG D 208 13.33 2.18 -14.99
N ILE D 209 12.97 1.81 -13.77
CA ILE D 209 13.06 0.40 -13.27
C ILE D 209 11.74 0.11 -12.57
N ASN D 210 11.05 -0.92 -13.04
CA ASN D 210 9.71 -1.31 -12.54
C ASN D 210 9.64 -2.83 -12.42
N THR D 211 8.74 -3.30 -11.56
CA THR D 211 8.31 -4.71 -11.52
C THR D 211 6.90 -4.80 -12.09
N VAL D 212 6.64 -5.88 -12.77
CA VAL D 212 5.27 -6.26 -13.23
C VAL D 212 4.85 -7.48 -12.42
N SER D 213 3.81 -7.30 -11.62
CA SER D 213 3.26 -8.33 -10.70
C SER D 213 2.17 -9.07 -11.45
N GLN D 214 2.53 -10.21 -12.01
CA GLN D 214 1.72 -10.97 -13.01
C GLN D 214 0.79 -11.98 -12.32
N SER D 215 -0.32 -12.33 -13.00
CA SER D 215 -1.20 -13.45 -12.60
C SER D 215 -0.38 -14.74 -12.48
N PRO D 216 -0.89 -15.73 -11.73
CA PRO D 216 -0.37 -17.09 -11.78
C PRO D 216 -0.59 -17.63 -13.21
N THR D 217 0.46 -18.21 -13.81
CA THR D 217 0.59 -18.44 -15.26
C THR D 217 1.16 -19.83 -15.47
N PRO D 218 0.59 -20.64 -16.39
CA PRO D 218 1.12 -21.98 -16.71
C PRO D 218 2.45 -21.94 -17.49
N THR D 219 3.55 -22.00 -16.76
CA THR D 219 4.94 -21.97 -17.26
C THR D 219 5.72 -23.08 -16.56
N THR D 220 6.93 -23.40 -17.02
CA THR D 220 7.81 -24.35 -16.31
C THR D 220 7.91 -23.93 -14.83
N ALA D 221 8.38 -22.73 -14.52
CA ALA D 221 8.51 -22.23 -13.13
C ALA D 221 7.13 -22.25 -12.43
N GLY D 222 6.06 -21.78 -13.09
CA GLY D 222 4.70 -21.77 -12.52
C GLY D 222 4.28 -23.17 -12.09
N SER D 223 4.66 -24.21 -12.87
CA SER D 223 4.20 -25.61 -12.68
C SER D 223 4.76 -26.19 -11.37
N GLY D 224 5.82 -25.60 -10.81
CA GLY D 224 6.48 -26.07 -9.58
C GLY D 224 5.75 -25.58 -8.33
N VAL D 225 4.82 -24.65 -8.47
CA VAL D 225 4.13 -24.02 -7.31
C VAL D 225 3.17 -25.06 -6.72
N LEU D 226 3.12 -25.17 -5.40
CA LEU D 226 2.21 -26.12 -4.74
C LEU D 226 0.78 -25.87 -5.23
N GLY D 227 0.10 -26.93 -5.70
CA GLY D 227 -1.32 -26.86 -6.07
C GLY D 227 -1.61 -25.70 -7.01
N MET D 228 -0.76 -25.48 -8.02
CA MET D 228 -0.82 -24.29 -8.92
C MET D 228 -2.17 -24.21 -9.64
N GLY D 229 -2.67 -25.35 -10.14
CA GLY D 229 -3.99 -25.40 -10.81
C GLY D 229 -5.06 -24.80 -9.93
N ASP D 230 -5.07 -25.16 -8.65
CA ASP D 230 -6.13 -24.71 -7.70
C ASP D 230 -5.89 -23.25 -7.32
N LEU D 231 -4.64 -22.84 -7.15
CA LEU D 231 -4.26 -21.43 -6.92
C LEU D 231 -4.72 -20.60 -8.15
N MET D 232 -4.47 -21.06 -9.37
CA MET D 232 -4.92 -20.33 -10.58
C MET D 232 -6.45 -20.19 -10.59
N ASN D 233 -7.15 -21.22 -10.16
CA ASN D 233 -8.64 -21.20 -10.13
C ASN D 233 -9.10 -20.13 -9.13
N PHE D 234 -8.49 -20.10 -7.96
CA PHE D 234 -8.81 -19.10 -6.91
C PHE D 234 -8.60 -17.69 -7.48
N ALA D 235 -7.45 -17.44 -8.11
CA ALA D 235 -7.11 -16.11 -8.66
C ALA D 235 -8.10 -15.74 -9.79
N GLU D 236 -8.45 -16.73 -10.62
CA GLU D 236 -9.40 -16.50 -11.75
C GLU D 236 -10.77 -16.06 -11.19
N ASN D 237 -11.19 -16.67 -10.08
CA ASN D 237 -12.51 -16.35 -9.45
C ASN D 237 -12.45 -14.97 -8.81
N MET D 238 -11.29 -14.60 -8.27
CA MET D 238 -11.09 -13.32 -7.57
C MET D 238 -10.92 -12.15 -8.57
N SER D 239 -10.46 -12.41 -9.78
CA SER D 239 -10.08 -11.37 -10.78
C SER D 239 -11.25 -11.06 -11.71
N PRO D 240 -11.86 -9.86 -11.66
CA PRO D 240 -13.01 -9.56 -12.50
C PRO D 240 -12.75 -9.71 -14.02
N LEU D 241 -11.52 -9.48 -14.49
CA LEU D 241 -11.16 -9.66 -15.91
C LEU D 241 -10.64 -11.06 -16.17
N GLY D 242 -10.56 -11.91 -15.15
CA GLY D 242 -9.86 -13.20 -15.25
C GLY D 242 -8.34 -13.03 -15.19
N ASN D 243 -7.63 -14.14 -15.03
CA ASN D 243 -6.16 -14.19 -15.02
C ASN D 243 -5.61 -13.63 -16.35
N ALA D 244 -4.47 -12.98 -16.28
CA ALA D 244 -3.68 -12.55 -17.44
C ALA D 244 -2.83 -13.73 -17.90
N SER D 245 -2.82 -14.00 -19.21
CA SER D 245 -1.94 -14.99 -19.86
C SER D 245 -0.54 -14.38 -20.00
N ALA D 246 0.43 -15.21 -20.40
CA ALA D 246 1.81 -14.75 -20.68
C ALA D 246 1.79 -13.77 -21.87
N ASN D 247 0.91 -14.01 -22.88
CA ASN D 247 0.74 -13.10 -24.05
C ASN D 247 0.24 -11.74 -23.55
N ASP D 248 -0.70 -11.70 -22.60
CA ASP D 248 -1.22 -10.43 -22.05
C ASP D 248 -0.08 -9.70 -21.34
N CYS D 249 0.72 -10.41 -20.57
CA CYS D 249 1.85 -9.84 -19.82
C CYS D 249 2.86 -9.21 -20.78
N ALA D 250 3.17 -9.88 -21.90
CA ALA D 250 4.12 -9.38 -22.91
C ALA D 250 3.59 -8.05 -23.46
N ASP D 251 2.29 -7.95 -23.72
CA ASP D 251 1.64 -6.72 -24.22
C ASP D 251 1.88 -5.60 -23.21
N TYR D 252 1.75 -5.90 -21.91
CA TYR D 252 1.87 -4.85 -20.89
C TYR D 252 3.33 -4.41 -20.78
N VAL D 253 4.24 -5.37 -20.74
CA VAL D 253 5.71 -5.12 -20.66
C VAL D 253 6.13 -4.22 -21.83
N LEU D 254 5.59 -4.46 -23.03
CA LEU D 254 5.86 -3.63 -24.24
C LEU D 254 5.59 -2.16 -23.93
N THR D 255 4.50 -1.83 -23.20
CA THR D 255 4.20 -0.41 -22.88
C THR D 255 5.34 0.16 -22.01
N LEU D 256 5.91 -0.63 -21.10
CA LEU D 256 6.98 -0.13 -20.19
C LEU D 256 8.29 0.09 -20.97
N PHE D 257 8.57 -0.72 -21.98
CA PHE D 257 9.74 -0.53 -22.86
C PHE D 257 9.54 0.67 -23.80
N SER D 258 8.28 1.05 -24.08
CA SER D 258 7.93 2.13 -25.04
C SER D 258 8.18 3.49 -24.40
N ASP D 259 8.28 4.51 -25.24
CA ASP D 259 8.52 5.91 -24.84
C ASP D 259 7.35 6.41 -24.00
N LEU D 260 6.17 5.81 -24.15
CA LEU D 260 4.93 6.35 -23.53
C LEU D 260 4.96 6.22 -21.99
N THR D 261 5.87 5.42 -21.39
CA THR D 261 5.95 5.22 -19.92
C THR D 261 7.21 5.87 -19.35
N ARG D 262 7.79 6.87 -20.02
CA ARG D 262 9.13 7.42 -19.62
C ARG D 262 9.10 8.04 -18.21
N LYS D 263 7.93 8.36 -17.64
CA LYS D 263 7.88 8.96 -16.28
C LYS D 263 7.40 7.95 -15.23
N VAL D 264 7.23 6.67 -15.59
CA VAL D 264 6.81 5.59 -14.64
C VAL D 264 8.07 4.90 -14.15
N THR D 265 8.38 4.99 -12.86
CA THR D 265 9.55 4.29 -12.29
C THR D 265 9.34 3.93 -10.83
N MET D 266 10.04 2.89 -10.41
CA MET D 266 10.07 2.39 -9.02
C MET D 266 8.66 1.89 -8.63
N GLN D 267 7.90 1.44 -9.61
CA GLN D 267 6.50 0.96 -9.42
C GLN D 267 6.51 -0.56 -9.42
N ASN D 268 5.64 -1.12 -8.62
CA ASN D 268 5.23 -2.53 -8.72
C ASN D 268 3.83 -2.56 -9.37
N LEU D 269 3.76 -3.01 -10.62
CA LEU D 269 2.57 -2.81 -11.47
C LEU D 269 1.80 -4.13 -11.53
N TYR D 270 0.64 -4.18 -10.88
CA TYR D 270 -0.26 -5.35 -10.91
C TYR D 270 -0.87 -5.52 -12.30
N HIS D 271 -0.62 -6.70 -12.89
CA HIS D 271 -1.10 -7.11 -14.21
C HIS D 271 -1.84 -8.44 -14.07
N ASP D 272 -3.08 -8.40 -13.62
CA ASP D 272 -3.66 -9.54 -12.91
C ASP D 272 -5.18 -9.57 -13.03
N GLY D 273 -5.76 -8.78 -13.93
CA GLY D 273 -7.22 -8.77 -14.13
C GLY D 273 -7.96 -8.22 -12.91
N GLY D 274 -7.25 -7.50 -12.02
CA GLY D 274 -7.83 -6.86 -10.82
C GLY D 274 -7.59 -7.62 -9.51
N PHE D 275 -6.95 -8.80 -9.53
CA PHE D 275 -6.76 -9.63 -8.34
C PHE D 275 -6.29 -8.78 -7.14
N ALA D 276 -5.24 -7.96 -7.34
CA ALA D 276 -4.57 -7.23 -6.24
C ALA D 276 -5.54 -6.30 -5.51
N SER D 277 -6.56 -5.81 -6.20
CA SER D 277 -7.51 -4.79 -5.66
C SER D 277 -8.79 -5.45 -5.14
N MET D 278 -8.91 -6.78 -5.20
CA MET D 278 -10.15 -7.50 -4.80
C MET D 278 -10.01 -8.01 -3.36
N GLY D 279 -11.03 -7.79 -2.55
CA GLY D 279 -11.11 -8.33 -1.18
C GLY D 279 -11.85 -9.66 -1.18
N MET D 280 -13.03 -9.69 -1.83
CA MET D 280 -13.90 -10.87 -1.96
C MET D 280 -14.80 -10.73 -3.18
N SER D 281 -14.60 -11.58 -4.19
CA SER D 281 -15.51 -11.69 -5.34
C SER D 281 -16.65 -12.63 -4.98
N ARG D 282 -17.76 -12.48 -5.68
CA ARG D 282 -18.91 -13.40 -5.55
C ARG D 282 -18.44 -14.83 -5.91
N ARG D 283 -17.70 -14.97 -7.00
CA ARG D 283 -17.24 -16.30 -7.47
C ARG D 283 -16.34 -16.97 -6.42
N ALA D 284 -15.61 -16.22 -5.59
CA ALA D 284 -14.66 -16.79 -4.61
C ALA D 284 -15.43 -17.40 -3.43
N MET D 285 -16.71 -17.07 -3.24
CA MET D 285 -17.49 -17.49 -2.05
C MET D 285 -17.91 -18.97 -2.18
N LYS D 286 -17.81 -19.71 -1.09
CA LYS D 286 -18.13 -21.16 -1.09
C LYS D 286 -19.62 -21.38 -1.35
N THR D 287 -20.48 -20.40 -1.06
CA THR D 287 -21.95 -20.52 -1.30
C THR D 287 -22.28 -20.30 -2.78
N TYR D 288 -21.32 -19.85 -3.60
CA TYR D 288 -21.59 -19.47 -5.01
C TYR D 288 -21.57 -20.73 -5.88
N GLU D 289 -22.52 -20.81 -6.81
CA GLU D 289 -22.54 -21.77 -7.94
C GLU D 289 -22.89 -21.02 -9.22
N LYS D 290 -22.26 -21.41 -10.33
CA LYS D 290 -22.48 -20.87 -11.69
C LYS D 290 -23.99 -20.71 -11.91
N GLY D 291 -24.41 -19.54 -12.40
CA GLY D 291 -25.80 -19.23 -12.74
C GLY D 291 -26.59 -18.63 -11.59
N MET D 292 -26.01 -18.54 -10.38
CA MET D 292 -26.65 -17.81 -9.25
C MET D 292 -26.71 -16.32 -9.60
N ARG D 293 -27.84 -15.71 -9.29
CA ARG D 293 -28.11 -14.27 -9.53
C ARG D 293 -27.18 -13.46 -8.64
N PHE D 294 -26.52 -12.45 -9.20
CA PHE D 294 -25.75 -11.43 -8.45
C PHE D 294 -26.72 -10.43 -7.84
N GLU D 295 -26.66 -10.20 -6.53
CA GLU D 295 -27.58 -9.30 -5.78
C GLU D 295 -26.96 -7.93 -5.52
N ASP D 296 -25.73 -7.66 -6.01
CA ASP D 296 -25.02 -6.39 -5.75
C ASP D 296 -25.33 -5.40 -6.88
N VAL D 297 -26.10 -5.80 -7.92
CA VAL D 297 -26.41 -4.93 -9.08
C VAL D 297 -27.91 -4.97 -9.42
N HIS D 298 -28.38 -3.93 -10.09
CA HIS D 298 -29.77 -3.71 -10.55
C HIS D 298 -29.95 -4.34 -11.95
N GLN D 299 -28.93 -4.27 -12.79
CA GLN D 299 -28.96 -4.83 -14.15
C GLN D 299 -27.73 -5.73 -14.32
N ASN D 300 -27.78 -6.64 -15.29
CA ASN D 300 -26.75 -7.65 -15.58
C ASN D 300 -26.47 -8.51 -14.35
N GLN D 301 -27.51 -9.11 -13.79
CA GLN D 301 -27.41 -9.93 -12.56
C GLN D 301 -26.87 -11.33 -12.89
N TYR D 302 -26.74 -11.66 -14.16
CA TYR D 302 -26.18 -12.96 -14.61
C TYR D 302 -24.97 -12.69 -15.48
N PRO D 303 -23.90 -12.08 -14.92
CA PRO D 303 -22.76 -11.68 -15.73
C PRO D 303 -22.06 -12.86 -16.42
N PHE D 304 -22.25 -14.09 -15.90
CA PHE D 304 -21.57 -15.32 -16.38
C PHE D 304 -22.60 -16.25 -17.05
N GLY D 305 -23.80 -15.75 -17.34
CA GLY D 305 -24.92 -16.50 -17.95
C GLY D 305 -25.79 -17.23 -16.93
N GLU D 306 -27.01 -17.63 -17.32
CA GLU D 306 -27.94 -18.47 -16.49
C GLU D 306 -27.72 -19.95 -16.83
C1 GOL E . -4.35 18.64 4.19
O1 GOL E . -4.32 18.16 2.85
C2 GOL E . -3.81 20.05 4.30
O2 GOL E . -4.72 21.06 3.86
C3 GOL E . -3.37 20.40 5.69
O3 GOL E . -2.09 21.00 5.67
PA NAI F . -7.81 21.97 -15.49
O1A NAI F . -8.28 23.20 -14.74
O2A NAI F . -7.11 22.10 -16.83
O5B NAI F . -8.99 20.89 -15.62
C5B NAI F . -10.04 20.82 -14.64
C4B NAI F . -11.36 20.64 -15.40
O4B NAI F . -12.44 20.35 -14.49
C3B NAI F . -11.81 21.92 -16.17
O3B NAI F . -11.98 21.56 -17.55
C2B NAI F . -13.15 22.30 -15.56
O2B NAI F . -14.08 22.92 -16.47
C1B NAI F . -13.60 20.92 -15.13
N9A NAI F . -14.78 20.97 -14.26
C8A NAI F . -14.89 21.68 -13.13
N7A NAI F . -16.13 21.52 -12.61
C5A NAI F . -16.81 20.69 -13.45
C6A NAI F . -18.17 20.13 -13.52
N6A NAI F . -19.07 20.42 -12.55
N1A NAI F . -18.49 19.33 -14.56
C2A NAI F . -17.61 19.04 -15.56
N3A NAI F . -16.35 19.56 -15.56
C4A NAI F . -15.93 20.36 -14.55
O3 NAI F . -6.71 21.23 -14.48
PN NAI F . -6.12 19.71 -14.70
O1N NAI F . -4.88 19.64 -13.83
O2N NAI F . -6.01 19.32 -16.19
O5D NAI F . -7.33 18.85 -13.99
C5D NAI F . -7.73 17.61 -14.52
C4D NAI F . -7.71 16.51 -13.45
O4D NAI F . -6.33 16.23 -13.14
C3D NAI F . -8.39 16.90 -12.13
O3D NAI F . -9.13 15.77 -11.63
C2D NAI F . -7.20 17.25 -11.25
O2D NAI F . -7.45 17.34 -9.83
C1D NAI F . -6.25 16.13 -11.71
N1N NAI F . -4.88 16.23 -11.25
C2N NAI F . -4.25 17.41 -11.36
C3N NAI F . -2.94 17.57 -10.92
C7N NAI F . -2.27 18.91 -11.02
O7N NAI F . -1.41 19.20 -10.21
N7N NAI F . -2.59 19.75 -12.01
C4N NAI F . -2.19 16.42 -10.28
C5N NAI F . -2.99 15.20 -10.23
C6N NAI F . -4.29 15.12 -10.72
C1 GOL G . -28.94 -7.49 14.45
O1 GOL G . -29.70 -7.67 13.27
C2 GOL G . -29.71 -6.69 15.47
O2 GOL G . -29.84 -5.33 15.06
C3 GOL G . -29.08 -6.76 16.85
O3 GOL G . -29.31 -8.03 17.45
C1 GOL H . -32.27 -2.89 16.25
O1 GOL H . -31.27 -3.77 15.79
C2 GOL H . -31.72 -2.05 17.36
O2 GOL H . -32.54 -0.88 17.46
C3 GOL H . -31.60 -2.77 18.68
O3 GOL H . -30.76 -2.07 19.59
C1 GOL I . -18.84 -2.92 -4.15
O1 GOL I . -18.49 -2.70 -2.79
C2 GOL I . -20.06 -3.82 -4.27
O2 GOL I . -21.30 -3.24 -3.88
C3 GOL I . -20.23 -4.38 -5.64
O3 GOL I . -20.28 -5.79 -5.52
PA NAI J . -23.75 -0.34 15.48
O1A NAI J . -24.99 -0.43 14.64
O2A NAI J . -23.77 -0.95 16.82
O5B NAI J . -23.19 1.19 15.64
C5B NAI J . -23.41 2.15 14.60
C4B NAI J . -23.80 3.44 15.29
O4B NAI J . -23.86 4.50 14.32
C3B NAI J . -25.17 3.39 16.00
O3B NAI J . -24.96 3.62 17.42
C2B NAI J . -25.93 4.50 15.32
O2B NAI J . -26.88 5.07 16.18
C1B NAI J . -24.78 5.42 14.89
N9A NAI J . -25.21 6.44 13.96
C8A NAI J . -25.90 6.25 12.84
N7A NAI J . -26.16 7.41 12.28
C5A NAI J . -25.74 8.41 13.09
C6A NAI J . -25.71 9.88 13.10
N6A NAI J . -26.25 10.64 12.13
N1A NAI J . -25.09 10.51 14.14
C2A NAI J . -24.59 9.81 15.15
N3A NAI J . -24.56 8.46 15.20
C4A NAI J . -25.12 7.74 14.22
O3 NAI J . -22.66 -1.07 14.50
PN NAI J . -21.06 -1.12 14.71
O1N NAI J . -20.69 -2.25 13.81
O2N NAI J . -20.65 -1.07 16.11
O5D NAI J . -20.69 0.26 14.02
C5D NAI J . -19.73 1.20 14.50
C4D NAI J . -18.68 1.50 13.43
O4D NAI J . -17.90 0.32 13.19
C3D NAI J . -19.25 1.91 12.06
O3D NAI J . -18.49 2.94 11.45
C2D NAI J . -19.08 0.65 11.23
O2D NAI J . -19.03 0.97 9.87
C1D NAI J . -17.74 0.18 11.78
N1N NAI J . -17.38 -1.17 11.36
C2N NAI J . -18.27 -2.16 11.46
C3N NAI J . -17.99 -3.39 11.02
C7N NAI J . -18.95 -4.52 11.16
O7N NAI J . -18.80 -5.47 10.40
N7N NAI J . -19.91 -4.48 12.09
C4N NAI J . -16.64 -3.67 10.40
C5N NAI J . -15.76 -2.57 10.38
C6N NAI J . -16.16 -1.34 10.84
CL CL K . -6.22 -21.64 6.37
C1 GOL L . 24.77 -1.30 9.14
O1 GOL L . 25.33 -2.37 9.89
C2 GOL L . 23.79 -0.47 9.93
O2 GOL L . 24.50 0.28 10.93
C3 GOL L . 22.97 0.47 9.04
O3 GOL L . 21.59 0.08 8.94
C1 GOL M . 19.29 2.93 -1.40
O1 GOL M . 18.63 2.63 -0.18
C2 GOL M . 20.36 3.99 -1.22
O2 GOL M . 21.60 3.54 -0.67
C3 GOL M . 20.68 4.70 -2.51
O3 GOL M . 20.57 6.08 -2.27
PA NAI N . 21.70 -1.86 18.06
O1A NAI N . 23.06 -1.73 17.34
O2A NAI N . 21.49 -1.40 19.49
O5B NAI N . 21.26 -3.40 17.96
C5B NAI N . 21.49 -4.23 16.83
C4B NAI N . 21.70 -5.59 17.41
O4B NAI N . 21.89 -6.55 16.36
C3B NAI N . 22.98 -5.66 18.31
O3B NAI N . 22.67 -6.12 19.62
C2B NAI N . 23.85 -6.69 17.62
O2B NAI N . 24.64 -7.51 18.49
C1B NAI N . 22.77 -7.50 16.94
N9A NAI N . 23.35 -8.44 15.95
C8A NAI N . 24.16 -8.14 14.92
N7A NAI N . 24.51 -9.26 14.27
C5A NAI N . 23.89 -10.29 14.90
C6A NAI N . 23.86 -11.74 14.75
N6A NAI N . 24.53 -12.37 13.73
N1A NAI N . 23.10 -12.45 15.62
C2A NAI N . 22.44 -11.88 16.64
N3A NAI N . 22.45 -10.55 16.89
C4A NAI N . 23.14 -9.74 16.03
O3 NAI N . 20.74 -0.97 17.10
PN NAI N . 19.11 -0.93 17.08
O1N NAI N . 18.71 0.33 16.32
O2N NAI N . 18.54 -1.18 18.48
O5D NAI N . 18.87 -2.25 16.17
C5D NAI N . 17.86 -3.22 16.49
C4D NAI N . 16.88 -3.42 15.34
O4D NAI N . 16.13 -2.22 15.16
C3D NAI N . 17.56 -3.66 14.00
O3D NAI N . 16.83 -4.58 13.19
C2D NAI N . 17.53 -2.29 13.28
O2D NAI N . 17.73 -2.38 11.86
C1D NAI N . 16.11 -1.93 13.74
N1N NAI N . 15.73 -0.56 13.41
C2N NAI N . 16.60 0.43 13.73
C3N NAI N . 16.35 1.77 13.38
C7N NAI N . 17.35 2.84 13.76
O7N NAI N . 17.31 3.92 13.20
N7N NAI N . 18.29 2.60 14.68
C4N NAI N . 15.06 2.12 12.66
C5N NAI N . 14.21 0.97 12.41
C6N NAI N . 14.55 -0.32 12.75
C1 GOL O . 10.19 -21.70 -8.63
O1 GOL O . 11.10 -22.82 -8.63
C2 GOL O . 8.85 -22.05 -7.96
O2 GOL O . 8.01 -20.90 -7.72
C3 GOL O . 8.08 -23.10 -8.72
O3 GOL O . 8.84 -23.68 -9.79
C1 GOL P . 3.50 -19.16 2.39
O1 GOL P . 3.88 -18.61 1.12
C2 GOL P . 3.26 -20.64 2.31
O2 GOL P . 4.33 -21.44 1.81
C3 GOL P . 2.73 -21.22 3.58
O3 GOL P . 1.42 -21.62 3.26
PA NAI Q . 9.87 -20.00 -16.96
O1A NAI Q . 10.20 -21.29 -16.28
O2A NAI Q . 9.52 -19.92 -18.39
O5B NAI Q . 11.08 -18.98 -16.77
C5B NAI Q . 11.98 -19.02 -15.68
C4B NAI Q . 13.35 -18.71 -16.25
O4B NAI Q . 14.30 -18.53 -15.17
C3B NAI Q . 13.83 -19.86 -17.16
O3B NAI Q . 14.17 -19.43 -18.51
C2B NAI Q . 15.07 -20.30 -16.42
O2B NAI Q . 16.14 -20.82 -17.23
C1B NAI Q . 15.51 -19.02 -15.73
N9A NAI Q . 16.54 -19.26 -14.73
C8A NAI Q . 16.51 -20.10 -13.67
N7A NAI Q . 17.66 -20.00 -12.96
C5A NAI Q . 18.45 -19.09 -13.62
C6A NAI Q . 19.84 -18.55 -13.46
N6A NAI Q . 20.58 -18.94 -12.45
N1A NAI Q . 20.28 -17.58 -14.30
C2A NAI Q . 19.51 -17.20 -15.34
N3A NAI Q . 18.28 -17.69 -15.60
C4A NAI Q . 17.71 -18.59 -14.74
O3 NAI Q . 8.68 -19.40 -16.03
PN NAI Q . 8.06 -17.90 -16.07
O1N NAI Q . 6.77 -18.05 -15.35
O2N NAI Q . 8.12 -17.33 -17.45
O5D NAI Q . 9.06 -17.10 -15.14
C5D NAI Q . 9.54 -15.80 -15.49
C4D NAI Q . 9.48 -14.91 -14.28
O4D NAI Q . 8.11 -14.59 -14.13
C3D NAI Q . 9.92 -15.52 -12.97
O3D NAI Q . 10.60 -14.51 -12.21
C2D NAI Q . 8.64 -15.89 -12.25
O2D NAI Q . 8.83 -15.91 -10.85
C1D NAI Q . 7.79 -14.72 -12.76
N1N NAI Q . 6.36 -14.89 -12.52
C2N NAI Q . 5.80 -16.06 -12.82
C3N NAI Q . 4.48 -16.29 -12.53
C7N NAI Q . 3.82 -17.59 -12.88
O7N NAI Q . 2.81 -17.89 -12.26
N7N NAI Q . 4.27 -18.37 -13.88
C4N NAI Q . 3.67 -15.22 -11.83
C5N NAI Q . 4.35 -13.97 -11.62
C6N NAI Q . 5.69 -13.84 -11.93
#